data_7VHY
#
_entry.id   7VHY
#
_cell.length_a   44.490
_cell.length_b   88.781
_cell.length_c   89.949
_cell.angle_alpha   116.580
_cell.angle_beta   99.440
_cell.angle_gamma   85.300
#
_symmetry.space_group_name_H-M   'P 1'
#
loop_
_entity.id
_entity.type
_entity.pdbx_description
1 polymer 'Histone acetyltransferase p300'
2 non-polymer 'ZINC ION'
3 non-polymer [(6R)-6-(1H-indazol-4-ylmethyl)-1,4-oxazepan-4-yl]-[1-(4-methoxyphenyl)cyclopentyl]methanone
4 water water
#
_entity_poly.entity_id   1
_entity_poly.type   'polypeptide(L)'
_entity_poly.pdbx_seq_one_letter_code
;GPSLGYCCGRKLEFSPQTLCCYGKQLCTIPRDATYYSYQNRYHFCEKCFNEIQGESVSLGDDPSQPQTTINKEQFSKRKN
DTLDPELFVECTECGRKMHQICVLHHEIIWPAGFVCDGCLKKSARTRKENKFSAKRLPSTRLGTFLENRVNDFLRRQNHP
ESGEVTVRVVHASDKTVEVKPGMKARFVDSGEMAESFPYRTKALFAFEEIDGVDLCFFGMHVQEYGSDCPPPNQRRVYIS
YLDSVHFFRPKCLRTAVYHEILIGYLEYVKKLGYTTGHIWACPPSEGDDYIFHCHPPDQKIPKPKRLQEWFKKMLDKAVS
ERIVHDYKDIFKQATEDRLTSAKELPYFEGDFWPNVLEESIKESGGSGSQKLYATMEKHKEVFFVIRLIAGPAANSLPPI
VDPDPLIPCDLMDGRDAFLTLARDKHLEFSSLRRAQWSTMCMLVELHTQSQDRF
;
_entity_poly.pdbx_strand_id   A,B
#
loop_
_chem_comp.id
_chem_comp.type
_chem_comp.name
_chem_comp.formula
6QI non-polymer [(6R)-6-(1H-indazol-4-ylmethyl)-1,4-oxazepan-4-yl]-[1-(4-methoxyphenyl)cyclopentyl]methanone 'C26 H31 N3 O3'
ZN non-polymer 'ZINC ION' 'Zn 2'
#
# COMPACT_ATOMS: atom_id res chain seq x y z
N TYR A 6 -24.98 -36.55 19.40
CA TYR A 6 -23.65 -36.26 18.88
C TYR A 6 -23.73 -35.43 17.60
N CYS A 7 -22.76 -34.52 17.44
CA CYS A 7 -22.73 -33.69 16.24
C CYS A 7 -22.58 -34.56 14.99
N CYS A 8 -21.58 -35.43 14.99
CA CYS A 8 -21.35 -36.40 13.93
C CYS A 8 -21.50 -37.81 14.48
N GLY A 9 -21.50 -38.77 13.58
CA GLY A 9 -21.50 -40.18 13.94
C GLY A 9 -20.13 -40.76 14.17
N ARG A 10 -19.09 -39.92 14.16
CA ARG A 10 -17.71 -40.37 14.15
C ARG A 10 -17.13 -40.43 15.56
N LYS A 11 -16.35 -41.47 15.82
CA LYS A 11 -15.52 -41.55 17.02
C LYS A 11 -14.13 -41.04 16.66
N LEU A 12 -13.71 -39.95 17.32
CA LEU A 12 -12.53 -39.20 16.93
C LEU A 12 -11.53 -39.14 18.08
N GLU A 13 -10.25 -39.25 17.72
CA GLU A 13 -9.16 -39.12 18.68
C GLU A 13 -7.93 -38.58 17.97
N PHE A 14 -7.02 -38.01 18.75
CA PHE A 14 -5.79 -37.45 18.21
C PHE A 14 -4.76 -38.54 17.98
N SER A 15 -4.09 -38.47 16.84
CA SER A 15 -3.03 -39.42 16.53
C SER A 15 -1.80 -39.13 17.39
N PRO A 16 -0.99 -40.14 17.69
CA PRO A 16 0.20 -39.90 18.51
C PRO A 16 1.23 -39.10 17.74
N GLN A 17 1.81 -38.11 18.42
CA GLN A 17 2.79 -37.29 17.72
C GLN A 17 4.14 -38.02 17.70
N THR A 18 5.03 -37.54 16.84
CA THR A 18 6.36 -38.11 16.71
C THR A 18 7.32 -37.42 17.65
N LEU A 19 8.15 -38.21 18.33
CA LEU A 19 9.12 -37.71 19.29
C LEU A 19 10.54 -37.92 18.76
N CYS A 20 11.49 -37.32 19.45
CA CYS A 20 12.91 -37.44 19.11
C CYS A 20 13.52 -38.66 19.79
N CYS A 21 14.52 -39.24 19.14
CA CYS A 21 15.22 -40.41 19.67
C CYS A 21 16.40 -40.02 20.56
N TYR A 22 16.84 -38.76 20.52
CA TYR A 22 17.86 -38.23 21.42
C TYR A 22 19.21 -38.91 21.24
N GLY A 23 19.32 -39.82 20.28
CA GLY A 23 20.57 -40.51 20.06
C GLY A 23 21.39 -39.83 18.98
N LYS A 24 20.86 -39.85 17.76
CA LYS A 24 21.58 -39.32 16.61
C LYS A 24 21.35 -37.82 16.41
N GLN A 25 20.69 -37.15 17.37
CA GLN A 25 20.55 -35.70 17.39
C GLN A 25 19.68 -35.20 16.23
N LEU A 26 19.30 -36.10 15.34
CA LEU A 26 18.32 -35.81 14.30
C LEU A 26 17.42 -37.02 14.03
N CYS A 27 17.42 -38.00 14.94
CA CYS A 27 16.61 -39.19 14.79
C CYS A 27 15.23 -38.95 15.40
N THR A 28 14.20 -39.48 14.74
CA THR A 28 12.83 -39.28 15.16
C THR A 28 12.12 -40.63 15.29
N ILE A 29 11.15 -40.69 16.19
CA ILE A 29 10.39 -41.89 16.48
C ILE A 29 8.98 -41.71 15.91
N PRO A 30 8.62 -42.42 14.85
CA PRO A 30 7.31 -42.23 14.22
C PRO A 30 6.20 -42.94 15.00
N ARG A 31 4.98 -42.84 14.47
CA ARG A 31 3.83 -43.48 15.08
C ARG A 31 3.98 -45.00 15.04
N ASP A 32 3.49 -45.66 16.08
CA ASP A 32 3.46 -47.11 16.25
C ASP A 32 4.86 -47.72 16.39
N ALA A 33 5.89 -46.90 16.54
CA ALA A 33 7.24 -47.42 16.69
C ALA A 33 7.48 -47.86 18.13
N THR A 34 8.64 -48.49 18.35
CA THR A 34 9.05 -48.95 19.66
C THR A 34 10.20 -48.09 20.15
N TYR A 35 10.15 -47.70 21.42
CA TYR A 35 11.14 -46.79 21.97
C TYR A 35 11.21 -46.96 23.48
N TYR A 36 12.18 -46.28 24.09
CA TYR A 36 12.40 -46.30 25.52
C TYR A 36 12.29 -44.89 26.09
N SER A 37 11.70 -44.76 27.28
CA SER A 37 11.48 -43.45 27.88
C SER A 37 11.99 -43.43 29.31
N TYR A 38 12.45 -42.25 29.72
CA TYR A 38 12.87 -41.97 31.09
C TYR A 38 12.23 -40.65 31.52
N GLN A 39 11.37 -40.70 32.53
CA GLN A 39 10.68 -39.53 33.06
C GLN A 39 9.89 -38.80 31.98
N ASN A 40 9.53 -39.49 30.90
CA ASN A 40 8.82 -38.91 29.77
C ASN A 40 9.55 -37.70 29.18
N ARG A 41 10.85 -37.59 29.43
CA ARG A 41 11.67 -36.50 28.92
C ARG A 41 12.65 -36.96 27.85
N TYR A 42 13.43 -37.99 28.13
CA TYR A 42 14.44 -38.51 27.22
C TYR A 42 13.92 -39.82 26.63
N HIS A 43 13.67 -39.81 25.33
CA HIS A 43 13.19 -40.98 24.60
C HIS A 43 14.29 -41.48 23.67
N PHE A 44 14.40 -42.80 23.52
CA PHE A 44 15.47 -43.42 22.75
C PHE A 44 14.90 -44.41 21.74
N CYS A 45 15.45 -44.36 20.52
CA CYS A 45 15.08 -45.31 19.48
C CYS A 45 15.45 -46.73 19.89
N GLU A 46 14.62 -47.69 19.49
CA GLU A 46 14.86 -49.09 19.83
C GLU A 46 16.20 -49.55 19.26
N LYS A 47 16.51 -49.14 18.03
CA LYS A 47 17.81 -49.44 17.43
C LYS A 47 18.92 -48.68 18.15
N CYS A 48 18.74 -47.37 18.33
CA CYS A 48 19.79 -46.53 18.92
C CYS A 48 20.01 -46.87 20.39
N PHE A 49 18.96 -47.29 21.10
CA PHE A 49 19.12 -47.67 22.50
C PHE A 49 19.88 -48.99 22.65
N ASN A 50 19.58 -49.96 21.80
CA ASN A 50 20.29 -51.23 21.89
C ASN A 50 21.72 -51.14 21.39
N GLU A 51 22.02 -50.16 20.54
CA GLU A 51 23.39 -49.86 20.10
C GLU A 51 24.04 -48.84 21.04
N ILE A 52 23.99 -49.14 22.35
CA ILE A 52 24.54 -48.27 23.39
C ILE A 52 25.59 -49.00 24.21
N GLN A 53 26.56 -48.24 24.71
CA GLN A 53 27.67 -48.84 25.46
C GLN A 53 27.19 -49.34 26.81
N GLY A 54 27.28 -50.65 27.03
CA GLY A 54 26.91 -51.11 28.36
C GLY A 54 25.45 -50.87 28.66
N GLU A 55 25.19 -50.66 29.94
CA GLU A 55 23.86 -50.34 30.44
C GLU A 55 23.73 -48.87 30.79
N SER A 56 24.72 -48.31 31.48
CA SER A 56 24.68 -46.91 31.90
C SER A 56 24.66 -45.97 30.70
N VAL A 57 23.73 -45.03 30.71
CA VAL A 57 23.55 -44.04 29.65
C VAL A 57 23.64 -42.66 30.29
N SER A 58 24.53 -41.81 29.77
CA SER A 58 24.62 -40.45 30.27
C SER A 58 23.46 -39.61 29.78
N LEU A 59 22.89 -38.83 30.68
CA LEU A 59 21.76 -37.97 30.36
C LEU A 59 22.00 -36.55 30.85
N THR A 68 24.17 -36.70 34.24
CA THR A 68 24.10 -37.81 35.18
C THR A 68 23.88 -39.13 34.43
N THR A 69 24.60 -40.17 34.83
CA THR A 69 24.48 -41.47 34.19
C THR A 69 23.26 -42.19 34.74
N ILE A 70 22.33 -42.54 33.86
CA ILE A 70 21.14 -43.29 34.22
C ILE A 70 21.22 -44.64 33.54
N ASN A 71 21.06 -45.70 34.32
CA ASN A 71 21.16 -47.04 33.78
C ASN A 71 19.96 -47.36 32.89
N LYS A 72 20.19 -48.27 31.94
CA LYS A 72 19.12 -48.71 31.05
C LYS A 72 18.03 -49.48 31.78
N GLU A 73 18.30 -49.91 33.02
CA GLU A 73 17.28 -50.61 33.81
C GLU A 73 16.09 -49.71 34.10
N GLN A 74 16.30 -48.39 34.21
CA GLN A 74 15.27 -47.44 34.59
C GLN A 74 14.48 -46.88 33.41
N PHE A 75 14.63 -47.46 32.23
CA PHE A 75 13.93 -46.99 31.03
C PHE A 75 12.68 -47.82 30.77
N SER A 76 11.71 -47.21 30.10
CA SER A 76 10.41 -47.83 29.84
C SER A 76 10.30 -48.21 28.37
N LYS A 77 10.02 -49.48 28.10
CA LYS A 77 9.79 -49.95 26.74
C LYS A 77 8.33 -49.71 26.37
N ARG A 78 8.10 -48.88 25.36
CA ARG A 78 6.74 -48.49 24.99
C ARG A 78 6.57 -48.55 23.48
N LYS A 79 5.32 -48.40 23.06
CA LYS A 79 4.95 -48.24 21.66
C LYS A 79 4.21 -46.92 21.49
N ASN A 80 4.54 -46.19 20.43
CA ASN A 80 3.93 -44.88 20.17
C ASN A 80 2.54 -45.06 19.56
N ASP A 81 1.60 -45.49 20.41
CA ASP A 81 0.24 -45.74 19.94
C ASP A 81 -0.82 -45.19 20.89
N THR A 82 -0.48 -44.21 21.74
CA THR A 82 -1.47 -43.64 22.64
C THR A 82 -2.42 -42.73 21.88
N LEU A 83 -3.72 -42.94 22.07
CA LEU A 83 -4.75 -42.19 21.36
C LEU A 83 -5.56 -41.39 22.37
N ASP A 84 -5.33 -40.09 22.41
CA ASP A 84 -6.10 -39.21 23.29
C ASP A 84 -7.44 -38.89 22.63
N PRO A 85 -8.56 -39.23 23.24
CA PRO A 85 -9.86 -38.96 22.60
C PRO A 85 -10.14 -37.47 22.49
N GLU A 86 -10.91 -37.12 21.46
CA GLU A 86 -11.35 -35.74 21.30
C GLU A 86 -12.33 -35.35 22.41
N LEU A 87 -12.33 -34.07 22.75
CA LEU A 87 -13.11 -33.58 23.88
C LEU A 87 -14.51 -33.19 23.44
N PHE A 88 -15.44 -33.25 24.38
CA PHE A 88 -16.82 -32.86 24.16
C PHE A 88 -17.16 -31.67 25.03
N VAL A 89 -18.12 -30.86 24.56
CA VAL A 89 -18.64 -29.74 25.33
C VAL A 89 -20.15 -29.94 25.47
N GLU A 90 -20.70 -29.38 26.54
CA GLU A 90 -22.10 -29.57 26.87
C GLU A 90 -22.86 -28.26 26.67
N CYS A 91 -23.98 -28.34 25.95
CA CYS A 91 -24.85 -27.19 25.78
C CYS A 91 -25.48 -26.80 27.11
N THR A 92 -25.35 -25.52 27.47
CA THR A 92 -25.84 -25.06 28.77
C THR A 92 -27.36 -25.03 28.84
N GLU A 93 -28.05 -25.18 27.72
CA GLU A 93 -29.50 -25.28 27.68
C GLU A 93 -29.98 -26.66 27.26
N CYS A 94 -29.42 -27.19 26.16
CA CYS A 94 -29.78 -28.53 25.72
C CYS A 94 -29.30 -29.60 26.71
N GLY A 95 -28.04 -29.52 27.12
CA GLY A 95 -27.34 -30.65 27.69
C GLY A 95 -26.73 -31.57 26.67
N ARG A 96 -26.84 -31.26 25.39
CA ARG A 96 -26.31 -32.10 24.32
C ARG A 96 -24.79 -32.07 24.33
N LYS A 97 -24.18 -33.25 24.39
CA LYS A 97 -22.73 -33.35 24.31
C LYS A 97 -22.30 -33.31 22.84
N MET A 98 -21.30 -32.49 22.55
CA MET A 98 -20.85 -32.33 21.17
C MET A 98 -19.34 -32.11 21.17
N HIS A 99 -18.69 -32.54 20.08
CA HIS A 99 -17.26 -32.34 19.92
C HIS A 99 -16.91 -30.86 20.04
N GLN A 100 -15.89 -30.55 20.83
CA GLN A 100 -15.44 -29.17 20.97
C GLN A 100 -14.94 -28.62 19.64
N ILE A 101 -14.21 -29.44 18.89
CA ILE A 101 -13.70 -29.00 17.60
C ILE A 101 -14.83 -28.82 16.60
N CYS A 102 -15.85 -29.70 16.65
CA CYS A 102 -16.94 -29.63 15.69
C CYS A 102 -17.73 -28.34 15.84
N VAL A 103 -18.00 -27.92 17.08
CA VAL A 103 -18.78 -26.70 17.31
C VAL A 103 -17.91 -25.46 17.51
N LEU A 104 -16.58 -25.63 17.60
CA LEU A 104 -15.64 -24.51 17.71
C LEU A 104 -15.99 -23.60 18.88
N HIS A 105 -16.07 -24.19 20.07
CA HIS A 105 -16.35 -23.44 21.29
C HIS A 105 -15.05 -23.22 22.06
N HIS A 106 -14.68 -21.96 22.25
CA HIS A 106 -13.50 -21.58 23.00
C HIS A 106 -13.92 -20.80 24.24
N GLU A 107 -13.38 -21.19 25.40
CA GLU A 107 -13.83 -20.63 26.66
C GLU A 107 -13.48 -19.15 26.79
N ILE A 108 -12.39 -18.71 26.16
CA ILE A 108 -12.02 -17.30 26.24
C ILE A 108 -12.94 -16.45 25.38
N ILE A 109 -13.27 -16.91 24.17
CA ILE A 109 -14.13 -16.14 23.29
C ILE A 109 -15.55 -16.06 23.84
N TRP A 110 -16.06 -17.16 24.38
CA TRP A 110 -17.42 -17.24 24.89
C TRP A 110 -17.38 -17.75 26.33
N PRO A 111 -16.99 -16.90 27.28
CA PRO A 111 -16.95 -17.33 28.68
C PRO A 111 -18.31 -17.58 29.29
N ALA A 112 -19.39 -17.10 28.66
CA ALA A 112 -20.74 -17.30 29.18
C ALA A 112 -21.18 -18.75 29.13
N GLY A 113 -20.47 -19.61 28.41
CA GLY A 113 -20.84 -21.00 28.26
C GLY A 113 -21.28 -21.31 26.83
N PHE A 114 -21.22 -22.59 26.49
CA PHE A 114 -21.54 -23.03 25.14
C PHE A 114 -23.04 -23.20 24.98
N VAL A 115 -23.58 -22.61 23.90
CA VAL A 115 -24.98 -22.77 23.52
C VAL A 115 -25.02 -23.27 22.08
N CYS A 116 -25.71 -24.38 21.86
CA CYS A 116 -25.72 -25.00 20.54
C CYS A 116 -26.53 -24.16 19.55
N ASP A 117 -26.37 -24.48 18.27
CA ASP A 117 -27.07 -23.75 17.22
C ASP A 117 -28.59 -23.89 17.35
N GLY A 118 -29.06 -25.08 17.71
CA GLY A 118 -30.49 -25.28 17.84
C GLY A 118 -31.12 -24.36 18.88
N CYS A 119 -30.46 -24.24 20.04
CA CYS A 119 -30.96 -23.34 21.08
C CYS A 119 -30.93 -21.89 20.62
N LEU A 120 -29.88 -21.51 19.90
CA LEU A 120 -29.76 -20.13 19.43
C LEU A 120 -30.91 -19.78 18.47
N LYS A 121 -31.17 -20.65 17.50
CA LYS A 121 -32.24 -20.39 16.54
C LYS A 121 -33.61 -20.44 17.21
N LYS A 122 -33.78 -21.34 18.18
CA LYS A 122 -35.05 -21.46 18.88
C LYS A 122 -35.39 -20.20 19.66
N SER A 123 -34.38 -19.43 20.07
CA SER A 123 -34.57 -18.16 20.74
C SER A 123 -34.20 -16.97 19.84
N ALA A 124 -34.07 -17.19 18.54
CA ALA A 124 -33.80 -16.15 17.55
C ALA A 124 -32.60 -15.27 17.93
N ARG A 125 -31.50 -15.92 18.31
CA ARG A 125 -30.25 -15.23 18.60
C ARG A 125 -29.08 -15.97 17.95
N THR A 126 -27.92 -15.31 17.95
CA THR A 126 -26.67 -15.86 17.47
C THR A 126 -25.59 -15.60 18.52
N ARG A 127 -24.44 -16.25 18.33
CA ARG A 127 -23.32 -16.06 19.25
C ARG A 127 -22.85 -14.61 19.23
N LYS A 128 -22.30 -14.16 20.36
CA LYS A 128 -21.66 -12.87 20.43
C LYS A 128 -20.48 -12.82 19.46
N GLU A 129 -20.23 -11.64 18.90
CA GLU A 129 -19.25 -11.51 17.83
C GLU A 129 -17.88 -12.01 18.30
N ASN A 130 -17.20 -12.73 17.41
CA ASN A 130 -15.93 -13.36 17.71
C ASN A 130 -14.82 -12.33 17.66
N LYS A 131 -14.47 -11.78 18.83
CA LYS A 131 -13.27 -10.99 18.92
C LYS A 131 -12.07 -11.93 18.88
N PHE A 132 -10.87 -11.37 18.77
CA PHE A 132 -9.64 -12.15 18.55
C PHE A 132 -9.69 -12.86 17.20
N SER A 133 -10.23 -12.19 16.19
CA SER A 133 -10.28 -12.75 14.85
C SER A 133 -8.97 -12.46 14.12
N ALA A 134 -8.80 -13.09 12.96
CA ALA A 134 -7.62 -12.81 12.15
C ALA A 134 -7.62 -11.37 11.66
N LYS A 135 -8.80 -10.86 11.29
CA LYS A 135 -8.92 -9.49 10.81
C LYS A 135 -8.53 -8.50 11.90
N ARG A 136 -8.87 -8.78 13.16
CA ARG A 136 -8.65 -7.86 14.26
C ARG A 136 -7.22 -7.87 14.79
N LEU A 137 -6.36 -8.74 14.26
CA LEU A 137 -4.94 -8.66 14.61
C LEU A 137 -4.38 -7.32 14.10
N PRO A 138 -3.46 -6.70 14.84
CA PRO A 138 -2.90 -5.43 14.38
C PRO A 138 -2.27 -5.56 13.01
N SER A 139 -2.51 -4.58 12.16
CA SER A 139 -2.07 -4.60 10.78
C SER A 139 -0.75 -3.87 10.61
N THR A 140 -0.09 -4.15 9.50
CA THR A 140 1.20 -3.56 9.17
C THR A 140 1.20 -3.16 7.70
N ARG A 141 2.18 -2.33 7.33
CA ARG A 141 2.32 -1.95 5.93
C ARG A 141 2.62 -3.17 5.07
N LEU A 142 3.52 -4.04 5.53
CA LEU A 142 3.84 -5.26 4.79
C LEU A 142 2.64 -6.20 4.72
N GLY A 143 1.92 -6.36 5.84
CA GLY A 143 0.76 -7.23 5.83
C GLY A 143 -0.36 -6.74 4.94
N THR A 144 -0.66 -5.43 4.99
CA THR A 144 -1.67 -4.85 4.11
C THR A 144 -1.24 -4.99 2.66
N PHE A 145 0.04 -4.77 2.38
CA PHE A 145 0.54 -4.87 1.01
C PHE A 145 0.29 -6.26 0.43
N LEU A 146 0.54 -7.30 1.22
CA LEU A 146 0.40 -8.66 0.71
C LEU A 146 -1.07 -9.05 0.54
N GLU A 147 -1.92 -8.71 1.52
CA GLU A 147 -3.31 -9.13 1.45
C GLU A 147 -4.08 -8.36 0.38
N ASN A 148 -3.68 -7.13 0.09
CA ASN A 148 -4.26 -6.42 -1.05
C ASN A 148 -3.94 -7.15 -2.35
N ARG A 149 -2.69 -7.59 -2.50
CA ARG A 149 -2.27 -8.28 -3.72
C ARG A 149 -3.03 -9.59 -3.89
N VAL A 150 -3.20 -10.35 -2.81
CA VAL A 150 -3.90 -11.63 -2.90
C VAL A 150 -5.37 -11.42 -3.20
N ASN A 151 -6.01 -10.49 -2.48
CA ASN A 151 -7.44 -10.27 -2.64
C ASN A 151 -7.78 -9.64 -3.99
N ASP A 152 -6.91 -8.76 -4.51
CA ASP A 152 -7.12 -8.23 -5.85
C ASP A 152 -7.06 -9.35 -6.89
N PHE A 153 -6.11 -10.27 -6.73
CA PHE A 153 -6.01 -11.40 -7.64
C PHE A 153 -7.24 -12.29 -7.55
N LEU A 154 -7.74 -12.51 -6.33
CA LEU A 154 -8.91 -13.37 -6.16
C LEU A 154 -10.15 -12.79 -6.81
N ARG A 155 -10.35 -11.47 -6.68
CA ARG A 155 -11.49 -10.84 -7.35
C ARG A 155 -11.36 -10.91 -8.86
N ARG A 156 -10.13 -10.86 -9.39
CA ARG A 156 -9.93 -11.06 -10.81
C ARG A 156 -10.36 -12.45 -11.24
N GLN A 157 -9.99 -13.47 -10.47
CA GLN A 157 -10.38 -14.84 -10.81
C GLN A 157 -11.87 -15.05 -10.65
N ASN A 158 -12.49 -14.34 -9.70
CA ASN A 158 -13.94 -14.31 -9.53
C ASN A 158 -14.53 -15.70 -9.30
N HIS A 159 -13.85 -16.53 -8.51
CA HIS A 159 -14.41 -17.82 -8.14
C HIS A 159 -15.39 -17.64 -6.98
N PRO A 160 -16.64 -18.09 -7.12
CA PRO A 160 -17.62 -17.88 -6.02
C PRO A 160 -17.25 -18.60 -4.74
N GLU A 161 -16.39 -19.62 -4.80
CA GLU A 161 -16.05 -20.40 -3.61
C GLU A 161 -14.99 -19.73 -2.75
N SER A 162 -14.20 -18.84 -3.32
CA SER A 162 -13.10 -18.22 -2.59
C SER A 162 -13.63 -17.29 -1.49
N GLY A 163 -12.80 -17.10 -0.45
CA GLY A 163 -13.12 -16.22 0.63
C GLY A 163 -12.04 -15.16 0.83
N GLU A 164 -12.34 -14.19 1.70
CA GLU A 164 -11.40 -13.11 1.97
C GLU A 164 -10.14 -13.65 2.63
N VAL A 165 -9.00 -13.11 2.22
CA VAL A 165 -7.69 -13.53 2.72
C VAL A 165 -7.13 -12.43 3.61
N THR A 166 -6.71 -12.80 4.81
CA THR A 166 -6.10 -11.89 5.76
C THR A 166 -4.65 -12.29 5.98
N VAL A 167 -3.74 -11.32 5.86
CA VAL A 167 -2.32 -11.52 6.10
C VAL A 167 -1.87 -10.58 7.20
N ARG A 168 -1.23 -11.13 8.22
CA ARG A 168 -0.80 -10.35 9.38
C ARG A 168 0.63 -10.72 9.76
N VAL A 169 1.47 -9.71 9.95
CA VAL A 169 2.78 -9.91 10.55
C VAL A 169 2.60 -9.98 12.05
N VAL A 170 3.03 -11.10 12.65
CA VAL A 170 2.78 -11.35 14.07
C VAL A 170 4.05 -11.26 14.92
N HIS A 171 5.22 -11.13 14.32
CA HIS A 171 6.45 -10.99 15.09
C HIS A 171 7.47 -10.19 14.31
N ALA A 172 8.24 -9.36 15.03
CA ALA A 172 9.36 -8.64 14.44
C ALA A 172 10.33 -8.28 15.55
N SER A 173 11.59 -8.70 15.41
CA SER A 173 12.61 -8.39 16.39
C SER A 173 13.97 -8.35 15.71
N ASP A 174 14.91 -7.66 16.35
CA ASP A 174 16.27 -7.50 15.83
C ASP A 174 17.17 -8.56 16.47
N LYS A 175 17.93 -9.26 15.63
CA LYS A 175 18.77 -10.37 16.06
C LYS A 175 20.11 -10.30 15.35
N THR A 176 20.99 -11.26 15.69
CA THR A 176 22.29 -11.40 15.05
C THR A 176 22.56 -12.87 14.78
N VAL A 177 23.20 -13.16 13.64
CA VAL A 177 23.71 -14.49 13.34
C VAL A 177 25.21 -14.48 13.60
N GLU A 178 25.69 -15.49 14.34
CA GLU A 178 27.08 -15.54 14.76
C GLU A 178 27.86 -16.52 13.89
N VAL A 179 29.06 -16.10 13.47
CA VAL A 179 29.90 -16.95 12.65
C VAL A 179 30.39 -18.12 13.49
N LYS A 180 30.24 -19.32 12.95
CA LYS A 180 30.53 -20.55 13.67
C LYS A 180 32.04 -20.74 13.87
N PRO A 181 32.44 -21.57 14.85
CA PRO A 181 33.86 -21.57 15.26
C PRO A 181 34.86 -21.86 14.15
N GLY A 182 34.54 -22.74 13.21
CA GLY A 182 35.46 -23.01 12.13
C GLY A 182 35.71 -21.80 11.26
N MET A 183 34.63 -21.20 10.75
CA MET A 183 34.75 -19.98 9.96
C MET A 183 35.28 -18.82 10.80
N LYS A 184 34.90 -18.77 12.08
CA LYS A 184 35.40 -17.72 12.95
C LYS A 184 36.91 -17.77 13.09
N ALA A 185 37.46 -18.98 13.27
CA ALA A 185 38.91 -19.12 13.45
C ALA A 185 39.66 -18.69 12.20
N ARG A 186 39.11 -18.99 11.02
CA ARG A 186 39.81 -18.63 9.79
C ARG A 186 39.68 -17.13 9.51
N PHE A 187 38.45 -16.62 9.41
CA PHE A 187 38.22 -15.29 8.85
C PHE A 187 37.90 -14.22 9.88
N VAL A 188 37.20 -14.55 10.96
CA VAL A 188 36.83 -13.53 11.94
C VAL A 188 38.04 -13.11 12.77
N ASP A 189 38.80 -14.09 13.27
CA ASP A 189 39.94 -13.79 14.13
C ASP A 189 41.02 -13.03 13.38
N SER A 190 41.09 -13.19 12.06
CA SER A 190 42.07 -12.48 11.24
C SER A 190 41.59 -11.11 10.79
N GLY A 191 40.35 -10.73 11.12
CA GLY A 191 39.82 -9.45 10.71
C GLY A 191 39.21 -9.40 9.33
N GLU A 192 39.18 -10.53 8.61
CA GLU A 192 38.68 -10.56 7.24
C GLU A 192 37.16 -10.64 7.17
N MET A 193 36.48 -10.92 8.27
CA MET A 193 35.04 -11.14 8.27
C MET A 193 34.46 -10.65 9.58
N ALA A 194 33.25 -10.09 9.50
CA ALA A 194 32.54 -9.68 10.71
C ALA A 194 32.16 -10.90 11.55
N GLU A 195 32.20 -10.72 12.87
CA GLU A 195 31.93 -11.83 13.77
C GLU A 195 30.44 -12.13 13.88
N SER A 196 29.58 -11.18 13.54
CA SER A 196 28.13 -11.39 13.56
C SER A 196 27.49 -10.44 12.56
N PHE A 197 26.28 -10.80 12.14
CA PHE A 197 25.53 -10.00 11.17
C PHE A 197 24.16 -9.69 11.74
N PRO A 198 23.80 -8.41 11.93
CA PRO A 198 22.48 -8.08 12.46
C PRO A 198 21.40 -8.23 11.39
N TYR A 199 20.23 -8.66 11.82
CA TYR A 199 19.10 -8.81 10.92
C TYR A 199 17.79 -8.68 11.71
N ARG A 200 16.73 -8.39 10.98
CA ARG A 200 15.38 -8.37 11.54
C ARG A 200 14.65 -9.63 11.08
N THR A 201 14.08 -10.35 12.03
CA THR A 201 13.28 -11.53 11.73
C THR A 201 11.80 -11.16 11.77
N LYS A 202 11.01 -11.78 10.89
CA LYS A 202 9.59 -11.50 10.80
C LYS A 202 8.84 -12.81 10.58
N ALA A 203 7.68 -12.93 11.24
CA ALA A 203 6.77 -14.05 11.06
C ALA A 203 5.42 -13.52 10.62
N LEU A 204 4.93 -14.01 9.50
CA LEU A 204 3.63 -13.61 8.98
C LEU A 204 2.83 -14.83 8.56
N PHE A 205 1.51 -14.73 8.69
CA PHE A 205 0.60 -15.81 8.36
C PHE A 205 -0.52 -15.31 7.46
N ALA A 206 -1.06 -16.22 6.66
CA ALA A 206 -2.18 -15.92 5.78
C ALA A 206 -3.39 -16.74 6.21
N PHE A 207 -4.54 -16.08 6.30
CA PHE A 207 -5.79 -16.70 6.71
C PHE A 207 -6.83 -16.54 5.61
N GLU A 208 -7.67 -17.55 5.44
CA GLU A 208 -8.79 -17.50 4.52
C GLU A 208 -10.09 -17.75 5.26
N GLU A 209 -11.10 -16.93 4.99
CA GLU A 209 -12.43 -17.12 5.56
C GLU A 209 -13.12 -18.25 4.79
N ILE A 210 -13.39 -19.35 5.47
CA ILE A 210 -14.05 -20.51 4.90
C ILE A 210 -15.33 -20.76 5.69
N ASP A 211 -16.48 -20.48 5.06
CA ASP A 211 -17.78 -20.63 5.70
C ASP A 211 -17.85 -19.83 7.00
N GLY A 212 -17.36 -18.60 6.95
CA GLY A 212 -17.46 -17.71 8.09
C GLY A 212 -16.42 -17.95 9.17
N VAL A 213 -15.48 -18.85 8.95
CA VAL A 213 -14.51 -19.26 9.96
C VAL A 213 -13.11 -19.09 9.40
N ASP A 214 -12.23 -18.49 10.19
CA ASP A 214 -10.84 -18.29 9.78
C ASP A 214 -10.12 -19.63 9.65
N LEU A 215 -9.26 -19.73 8.63
CA LEU A 215 -8.37 -20.87 8.47
C LEU A 215 -6.99 -20.37 8.11
N CYS A 216 -6.01 -20.67 8.97
CA CYS A 216 -4.62 -20.36 8.66
C CYS A 216 -4.09 -21.40 7.69
N PHE A 217 -3.63 -20.96 6.51
CA PHE A 217 -3.19 -21.87 5.47
C PHE A 217 -1.77 -21.60 4.99
N PHE A 218 -1.09 -20.60 5.54
CA PHE A 218 0.26 -20.25 5.08
C PHE A 218 1.01 -19.59 6.22
N GLY A 219 2.30 -19.89 6.31
CA GLY A 219 3.16 -19.28 7.31
C GLY A 219 4.56 -19.11 6.75
N MET A 220 5.27 -18.12 7.28
CA MET A 220 6.59 -17.80 6.75
C MET A 220 7.38 -17.03 7.80
N HIS A 221 8.65 -17.39 7.94
CA HIS A 221 9.64 -16.65 8.72
C HIS A 221 10.71 -16.16 7.76
N VAL A 222 11.14 -14.91 7.94
CA VAL A 222 12.14 -14.31 7.05
C VAL A 222 13.25 -13.68 7.87
N GLN A 223 14.42 -13.57 7.24
CA GLN A 223 15.56 -12.86 7.80
C GLN A 223 15.89 -11.71 6.85
N GLU A 224 15.92 -10.49 7.37
CA GLU A 224 16.14 -9.30 6.57
C GLU A 224 17.37 -8.57 7.10
N TYR A 225 18.39 -8.43 6.24
CA TYR A 225 19.64 -7.80 6.60
C TYR A 225 19.69 -6.44 5.92
N GLY A 226 19.62 -5.38 6.71
CA GLY A 226 19.47 -4.03 6.19
C GLY A 226 20.78 -3.42 5.74
N SER A 227 20.71 -2.12 5.44
CA SER A 227 21.89 -1.40 4.98
C SER A 227 22.89 -1.16 6.10
N ASP A 228 22.49 -1.32 7.36
CA ASP A 228 23.45 -1.26 8.45
C ASP A 228 24.37 -2.47 8.46
N CYS A 229 23.90 -3.60 7.94
CA CYS A 229 24.67 -4.83 8.01
C CYS A 229 25.94 -4.72 7.17
N PRO A 230 27.05 -5.27 7.64
CA PRO A 230 28.27 -5.32 6.81
C PRO A 230 28.11 -6.35 5.71
N PRO A 231 28.89 -6.23 4.64
CA PRO A 231 28.91 -7.30 3.62
C PRO A 231 29.46 -8.58 4.21
N PRO A 232 29.15 -9.74 3.62
CA PRO A 232 28.40 -9.94 2.37
C PRO A 232 26.90 -10.12 2.56
N ASN A 233 26.37 -9.67 3.69
CA ASN A 233 24.96 -9.89 4.02
C ASN A 233 24.07 -8.68 3.74
N GLN A 234 24.65 -7.51 3.49
CA GLN A 234 23.86 -6.28 3.49
C GLN A 234 22.85 -6.26 2.35
N ARG A 235 21.68 -5.68 2.63
CA ARG A 235 20.60 -5.53 1.65
C ARG A 235 20.15 -6.87 1.08
N ARG A 236 20.13 -7.90 1.92
CA ARG A 236 19.71 -9.24 1.53
C ARG A 236 18.60 -9.73 2.44
N VAL A 237 17.66 -10.48 1.86
CA VAL A 237 16.60 -11.14 2.62
C VAL A 237 16.68 -12.64 2.37
N TYR A 238 16.42 -13.41 3.42
CA TYR A 238 16.49 -14.86 3.39
C TYR A 238 15.21 -15.43 3.96
N ILE A 239 14.64 -16.43 3.29
CA ILE A 239 13.43 -17.09 3.76
C ILE A 239 13.86 -18.23 4.67
N SER A 240 13.60 -18.10 5.98
CA SER A 240 13.99 -19.12 6.93
C SER A 240 13.18 -20.39 6.74
N TYR A 241 11.85 -20.26 6.64
CA TYR A 241 10.96 -21.42 6.67
C TYR A 241 9.68 -21.05 5.96
N LEU A 242 9.09 -22.03 5.29
CA LEU A 242 7.76 -21.90 4.69
C LEU A 242 6.93 -23.11 5.07
N ASP A 243 5.62 -22.90 5.21
CA ASP A 243 4.73 -23.99 5.53
C ASP A 243 3.33 -23.61 5.07
N SER A 244 2.50 -24.63 4.93
CA SER A 244 1.14 -24.42 4.43
C SER A 244 0.25 -25.56 4.93
N VAL A 245 -1.05 -25.26 5.00
CA VAL A 245 -2.08 -26.27 5.19
C VAL A 245 -2.97 -26.21 3.95
N HIS A 246 -3.15 -27.36 3.31
CA HIS A 246 -3.56 -27.39 1.91
C HIS A 246 -5.07 -27.29 1.70
N PHE A 247 -5.79 -26.67 2.64
CA PHE A 247 -7.25 -26.59 2.56
C PHE A 247 -7.75 -25.26 2.02
N PHE A 248 -6.95 -24.56 1.23
CA PHE A 248 -7.44 -23.33 0.60
C PHE A 248 -8.51 -23.66 -0.43
N ARG A 249 -9.58 -22.87 -0.44
CA ARG A 249 -10.70 -23.09 -1.33
C ARG A 249 -10.83 -21.93 -2.31
N PRO A 250 -10.91 -22.18 -3.62
CA PRO A 250 -10.87 -23.52 -4.24
C PRO A 250 -9.46 -24.08 -4.39
N LYS A 251 -9.38 -25.40 -4.58
CA LYS A 251 -8.08 -26.06 -4.73
C LYS A 251 -7.36 -25.56 -5.98
N CYS A 252 -8.11 -25.27 -7.05
CA CYS A 252 -7.49 -24.91 -8.32
C CYS A 252 -6.77 -23.57 -8.28
N LEU A 253 -6.94 -22.78 -7.22
CA LEU A 253 -6.25 -21.50 -7.07
C LEU A 253 -5.22 -21.50 -5.95
N ARG A 254 -4.96 -22.65 -5.32
CA ARG A 254 -4.08 -22.68 -4.15
C ARG A 254 -2.65 -22.27 -4.52
N THR A 255 -2.10 -22.87 -5.59
CA THR A 255 -0.72 -22.56 -5.97
C THR A 255 -0.57 -21.10 -6.35
N ALA A 256 -1.55 -20.55 -7.07
CA ALA A 256 -1.48 -19.16 -7.49
C ALA A 256 -1.45 -18.21 -6.29
N VAL A 257 -2.21 -18.53 -5.24
CA VAL A 257 -2.21 -17.69 -4.05
C VAL A 257 -0.84 -17.71 -3.38
N TYR A 258 -0.20 -18.89 -3.33
CA TYR A 258 1.16 -18.96 -2.82
C TYR A 258 2.11 -18.09 -3.63
N HIS A 259 1.94 -18.11 -4.96
CA HIS A 259 2.75 -17.24 -5.82
C HIS A 259 2.52 -15.77 -5.49
N GLU A 260 1.25 -15.39 -5.27
CA GLU A 260 0.94 -14.00 -4.98
C GLU A 260 1.61 -13.54 -3.69
N ILE A 261 1.59 -14.38 -2.66
CA ILE A 261 2.22 -14.02 -1.39
C ILE A 261 3.73 -13.94 -1.56
N LEU A 262 4.33 -14.96 -2.19
CA LEU A 262 5.79 -15.01 -2.28
C LEU A 262 6.33 -13.91 -3.18
N ILE A 263 5.71 -13.72 -4.34
CA ILE A 263 6.16 -12.64 -5.23
C ILE A 263 5.88 -11.29 -4.60
N GLY A 264 4.75 -11.16 -3.90
CA GLY A 264 4.45 -9.92 -3.20
C GLY A 264 5.50 -9.56 -2.17
N TYR A 265 6.00 -10.56 -1.44
CA TYR A 265 7.05 -10.29 -0.46
C TYR A 265 8.33 -9.82 -1.15
N LEU A 266 8.70 -10.47 -2.26
CA LEU A 266 9.88 -10.04 -3.01
C LEU A 266 9.69 -8.63 -3.56
N GLU A 267 8.49 -8.33 -4.07
CA GLU A 267 8.21 -6.98 -4.55
C GLU A 267 8.30 -5.97 -3.42
N TYR A 268 7.82 -6.33 -2.23
CA TYR A 268 7.82 -5.39 -1.11
C TYR A 268 9.23 -5.04 -0.66
N VAL A 269 10.07 -6.06 -0.43
CA VAL A 269 11.42 -5.78 0.06
C VAL A 269 12.25 -5.10 -1.01
N LYS A 270 11.98 -5.40 -2.29
CA LYS A 270 12.66 -4.68 -3.36
C LYS A 270 12.34 -3.20 -3.30
N LYS A 271 11.07 -2.86 -3.04
CA LYS A 271 10.70 -1.46 -2.91
C LYS A 271 11.39 -0.80 -1.72
N LEU A 272 11.56 -1.55 -0.63
CA LEU A 272 12.23 -1.01 0.55
C LEU A 272 13.71 -0.75 0.31
N GLY A 273 14.33 -1.43 -0.65
CA GLY A 273 15.75 -1.26 -0.94
C GLY A 273 16.59 -2.51 -0.82
N TYR A 274 16.02 -3.67 -0.48
CA TYR A 274 16.79 -4.90 -0.49
C TYR A 274 17.06 -5.33 -1.93
N THR A 275 18.30 -5.68 -2.23
CA THR A 275 18.70 -5.97 -3.60
C THR A 275 18.58 -7.44 -3.97
N THR A 276 18.71 -8.34 -2.99
CA THR A 276 18.79 -9.76 -3.27
C THR A 276 17.97 -10.56 -2.27
N GLY A 277 17.28 -11.58 -2.77
CA GLY A 277 16.60 -12.55 -1.92
C GLY A 277 17.21 -13.92 -2.11
N HIS A 278 17.13 -14.74 -1.07
CA HIS A 278 17.76 -16.06 -1.07
C HIS A 278 16.74 -17.11 -0.62
N ILE A 279 16.68 -18.20 -1.36
CA ILE A 279 15.77 -19.31 -1.07
C ILE A 279 16.56 -20.62 -1.10
N TRP A 280 16.39 -21.42 -0.05
CA TRP A 280 16.96 -22.76 0.03
C TRP A 280 15.80 -23.74 -0.16
N ALA A 281 15.73 -24.35 -1.34
CA ALA A 281 14.64 -25.26 -1.68
C ALA A 281 14.89 -26.59 -1.00
N CYS A 282 14.37 -26.73 0.22
CA CYS A 282 14.62 -27.91 1.05
C CYS A 282 13.30 -28.44 1.59
N PRO A 283 12.78 -29.53 1.05
CA PRO A 283 11.57 -30.12 1.61
C PRO A 283 11.85 -30.71 2.99
N PRO A 284 10.86 -30.72 3.88
CA PRO A 284 11.09 -31.28 5.21
C PRO A 284 11.21 -32.80 5.15
N SER A 285 11.89 -33.36 6.14
CA SER A 285 11.99 -34.80 6.25
C SER A 285 10.64 -35.39 6.64
N GLU A 286 10.47 -36.68 6.37
CA GLU A 286 9.24 -37.36 6.71
C GLU A 286 9.00 -37.29 8.22
N GLY A 287 7.79 -36.91 8.60
CA GLY A 287 7.46 -36.74 10.01
C GLY A 287 7.93 -35.44 10.62
N ASP A 288 8.51 -34.54 9.84
CA ASP A 288 8.99 -33.25 10.33
C ASP A 288 7.99 -32.16 9.98
N ASP A 289 7.81 -31.22 10.91
CA ASP A 289 6.92 -30.08 10.71
C ASP A 289 7.74 -28.80 10.76
N TYR A 290 7.60 -27.97 9.72
CA TYR A 290 8.33 -26.71 9.68
C TYR A 290 7.71 -25.69 10.62
N ILE A 291 6.45 -25.31 10.36
CA ILE A 291 5.75 -24.32 11.16
C ILE A 291 4.46 -24.88 11.75
N PHE A 292 3.68 -25.61 10.97
CA PHE A 292 2.38 -26.11 11.39
C PHE A 292 2.51 -27.55 11.88
N HIS A 293 1.99 -27.81 13.07
CA HIS A 293 2.08 -29.13 13.67
C HIS A 293 1.02 -30.06 13.07
N CYS A 294 1.44 -31.29 12.75
CA CYS A 294 0.55 -32.37 12.31
C CYS A 294 -0.20 -32.00 11.03
N HIS A 295 0.58 -31.93 9.93
CA HIS A 295 0.03 -31.73 8.61
C HIS A 295 -0.96 -32.85 8.26
N PRO A 296 -1.85 -32.61 7.29
CA PRO A 296 -2.76 -33.67 6.85
C PRO A 296 -2.00 -34.85 6.29
N PRO A 297 -2.47 -36.08 6.54
CA PRO A 297 -1.72 -37.26 6.07
C PRO A 297 -1.58 -37.35 4.56
N ASP A 298 -2.48 -36.73 3.79
CA ASP A 298 -2.41 -36.78 2.34
C ASP A 298 -1.83 -35.52 1.73
N GLN A 299 -1.31 -34.60 2.55
CA GLN A 299 -0.54 -33.46 2.03
C GLN A 299 0.90 -33.94 1.87
N LYS A 300 1.25 -34.31 0.65
CA LYS A 300 2.53 -34.96 0.37
C LYS A 300 3.67 -33.95 0.35
N ILE A 301 4.83 -34.38 0.82
CA ILE A 301 6.05 -33.60 0.75
C ILE A 301 6.64 -33.75 -0.64
N PRO A 302 6.87 -32.67 -1.37
CA PRO A 302 7.45 -32.79 -2.72
C PRO A 302 8.88 -33.30 -2.66
N LYS A 303 9.27 -34.03 -3.70
CA LYS A 303 10.66 -34.44 -3.84
C LYS A 303 11.51 -33.23 -4.24
N PRO A 304 12.81 -33.26 -3.93
CA PRO A 304 13.64 -32.06 -4.13
C PRO A 304 13.63 -31.53 -5.56
N LYS A 305 13.65 -32.42 -6.56
CA LYS A 305 13.63 -31.97 -7.94
C LYS A 305 12.32 -31.26 -8.27
N ARG A 306 11.19 -31.80 -7.78
CA ARG A 306 9.91 -31.16 -7.98
C ARG A 306 9.86 -29.79 -7.32
N LEU A 307 10.36 -29.69 -6.09
CA LEU A 307 10.34 -28.41 -5.38
C LEU A 307 11.18 -27.36 -6.09
N GLN A 308 12.34 -27.75 -6.61
CA GLN A 308 13.20 -26.80 -7.32
C GLN A 308 12.50 -26.27 -8.57
N GLU A 309 11.83 -27.16 -9.32
CA GLU A 309 11.10 -26.70 -10.50
C GLU A 309 9.95 -25.79 -10.13
N TRP A 310 9.29 -26.07 -8.99
CA TRP A 310 8.19 -25.22 -8.53
C TRP A 310 8.67 -23.80 -8.26
N PHE A 311 9.82 -23.66 -7.60
CA PHE A 311 10.37 -22.33 -7.34
C PHE A 311 10.77 -21.65 -8.65
N LYS A 312 11.28 -22.41 -9.62
CA LYS A 312 11.62 -21.84 -10.92
C LYS A 312 10.39 -21.23 -11.57
N LYS A 313 9.27 -21.94 -11.54
CA LYS A 313 8.04 -21.43 -12.14
C LYS A 313 7.56 -20.18 -11.42
N MET A 314 7.63 -20.17 -10.09
CA MET A 314 7.24 -18.98 -9.33
C MET A 314 8.16 -17.81 -9.66
N LEU A 315 9.46 -18.05 -9.76
CA LEU A 315 10.39 -16.98 -10.09
C LEU A 315 10.22 -16.50 -11.52
N ASP A 316 9.91 -17.42 -12.44
CA ASP A 316 9.68 -17.05 -13.83
C ASP A 316 8.53 -16.07 -13.97
N LYS A 317 7.42 -16.33 -13.25
CA LYS A 317 6.33 -15.37 -13.19
C LYS A 317 6.78 -14.04 -12.59
N ALA A 318 7.60 -14.07 -11.54
CA ALA A 318 8.11 -12.84 -10.95
C ALA A 318 8.95 -12.04 -11.95
N VAL A 319 9.75 -12.73 -12.77
CA VAL A 319 10.51 -12.04 -13.81
C VAL A 319 9.58 -11.40 -14.82
N SER A 320 8.55 -12.13 -15.26
CA SER A 320 7.62 -11.61 -16.24
C SER A 320 6.83 -10.43 -15.70
N GLU A 321 6.52 -10.42 -14.40
CA GLU A 321 5.83 -9.32 -13.75
C GLU A 321 6.73 -8.11 -13.51
N ARG A 322 7.96 -8.13 -14.03
CA ARG A 322 8.93 -7.04 -13.87
C ARG A 322 9.24 -6.77 -12.39
N ILE A 323 9.14 -7.79 -11.55
CA ILE A 323 9.50 -7.67 -10.14
C ILE A 323 10.90 -8.20 -9.88
N VAL A 324 11.19 -9.41 -10.35
CA VAL A 324 12.51 -10.02 -10.22
C VAL A 324 13.28 -9.80 -11.51
N HIS A 325 14.48 -9.22 -11.39
CA HIS A 325 15.29 -8.99 -12.58
C HIS A 325 15.74 -10.30 -13.22
N ASP A 326 16.32 -11.19 -12.43
CA ASP A 326 16.73 -12.52 -12.89
C ASP A 326 17.09 -13.34 -11.65
N TYR A 327 17.42 -14.60 -11.87
CA TYR A 327 17.83 -15.47 -10.78
C TYR A 327 18.77 -16.55 -11.32
N LYS A 328 19.72 -16.95 -10.48
CA LYS A 328 20.67 -18.00 -10.81
C LYS A 328 20.90 -18.87 -9.58
N ASP A 329 21.42 -20.08 -9.83
CA ASP A 329 21.86 -20.91 -8.73
C ASP A 329 23.14 -20.33 -8.11
N ILE A 330 23.48 -20.81 -6.92
CA ILE A 330 24.61 -20.24 -6.18
C ILE A 330 25.91 -20.43 -6.93
N PHE A 331 26.08 -21.58 -7.59
CA PHE A 331 27.31 -21.84 -8.33
C PHE A 331 27.46 -20.85 -9.49
N LYS A 332 26.38 -20.62 -10.25
CA LYS A 332 26.45 -19.66 -11.35
C LYS A 332 26.61 -18.25 -10.82
N GLN A 333 25.95 -17.92 -9.70
CA GLN A 333 26.04 -16.58 -9.14
C GLN A 333 27.47 -16.27 -8.69
N ALA A 334 28.13 -17.21 -8.01
CA ALA A 334 29.48 -16.97 -7.54
C ALA A 334 30.45 -16.80 -8.71
N THR A 335 30.24 -17.55 -9.79
CA THR A 335 31.09 -17.40 -10.97
C THR A 335 30.97 -16.00 -11.55
N GLU A 336 29.75 -15.50 -11.70
CA GLU A 336 29.56 -14.15 -12.22
C GLU A 336 30.04 -13.09 -11.23
N ASP A 337 29.89 -13.35 -9.93
CA ASP A 337 30.42 -12.47 -8.90
C ASP A 337 31.93 -12.57 -8.75
N ARG A 338 32.58 -13.48 -9.47
CA ARG A 338 34.03 -13.70 -9.40
C ARG A 338 34.46 -13.98 -7.95
N LEU A 339 33.66 -14.77 -7.25
CA LEU A 339 33.96 -15.17 -5.89
C LEU A 339 35.23 -16.02 -5.84
N THR A 340 36.00 -15.86 -4.76
CA THR A 340 37.20 -16.67 -4.54
C THR A 340 37.32 -17.24 -3.14
N SER A 341 36.61 -16.73 -2.15
CA SER A 341 36.74 -17.18 -0.77
C SER A 341 35.37 -17.37 -0.14
N ALA A 342 35.30 -18.34 0.77
CA ALA A 342 34.04 -18.63 1.45
C ALA A 342 33.55 -17.46 2.29
N LYS A 343 34.44 -16.55 2.68
CA LYS A 343 34.05 -15.37 3.43
C LYS A 343 33.19 -14.41 2.60
N GLU A 344 33.09 -14.63 1.29
CA GLU A 344 32.27 -13.80 0.42
C GLU A 344 30.84 -14.32 0.27
N LEU A 345 30.54 -15.50 0.82
CA LEU A 345 29.20 -16.08 0.73
C LEU A 345 28.31 -15.52 1.83
N PRO A 346 27.06 -15.17 1.51
CA PRO A 346 26.14 -14.70 2.54
C PRO A 346 25.98 -15.72 3.66
N TYR A 347 25.95 -15.23 4.90
CA TYR A 347 25.98 -16.06 6.10
C TYR A 347 24.64 -15.88 6.83
N PHE A 348 23.74 -16.84 6.66
CA PHE A 348 22.39 -16.75 7.20
C PHE A 348 22.20 -17.70 8.38
N GLU A 349 21.34 -17.29 9.30
CA GLU A 349 21.08 -18.08 10.51
C GLU A 349 20.37 -19.38 10.15
N GLY A 350 20.95 -20.49 10.58
CA GLY A 350 20.36 -21.80 10.35
C GLY A 350 20.44 -22.30 8.93
N ASP A 351 21.21 -21.64 8.07
CA ASP A 351 21.26 -22.00 6.66
C ASP A 351 22.22 -23.18 6.45
N PHE A 352 22.11 -23.78 5.26
CA PHE A 352 22.93 -24.94 4.90
C PHE A 352 24.41 -24.59 4.86
N TRP A 353 24.76 -23.42 4.35
CA TRP A 353 26.14 -23.10 4.01
C TRP A 353 27.02 -22.85 5.24
N PRO A 354 26.55 -22.17 6.29
CA PRO A 354 27.39 -22.08 7.50
C PRO A 354 27.77 -23.45 8.06
N ASN A 355 26.86 -24.42 8.00
CA ASN A 355 27.19 -25.77 8.49
C ASN A 355 28.23 -26.44 7.62
N VAL A 356 28.09 -26.30 6.29
CA VAL A 356 28.99 -26.98 5.36
C VAL A 356 30.37 -26.36 5.39
N LEU A 357 30.45 -25.03 5.52
CA LEU A 357 31.75 -24.38 5.58
C LEU A 357 32.54 -24.81 6.81
N GLU A 358 31.84 -25.17 7.88
CA GLU A 358 32.51 -25.78 9.03
C GLU A 358 33.17 -27.10 8.63
N GLU A 359 32.46 -27.93 7.86
CA GLU A 359 33.01 -29.19 7.42
C GLU A 359 34.09 -28.99 6.36
N SER A 360 33.93 -27.99 5.49
CA SER A 360 34.92 -27.76 4.44
C SER A 360 36.29 -27.39 5.01
N ILE A 361 36.31 -26.51 6.02
CA ILE A 361 37.57 -26.10 6.61
C ILE A 361 38.26 -27.27 7.30
N LYS A 362 37.49 -28.11 7.97
CA LYS A 362 38.08 -29.26 8.66
C LYS A 362 38.74 -30.21 7.67
N GLU A 363 38.05 -30.52 6.57
CA GLU A 363 38.60 -31.43 5.56
C GLU A 363 39.78 -30.81 4.81
N SER A 364 39.83 -29.48 4.72
CA SER A 364 40.87 -28.83 3.92
C SER A 364 42.14 -28.53 4.72
N GLY A 365 42.13 -28.76 6.02
CA GLY A 365 43.26 -28.41 6.85
C GLY A 365 43.34 -26.94 7.23
N GLY A 366 42.30 -26.16 6.91
CA GLY A 366 42.26 -24.76 7.29
C GLY A 366 42.04 -23.83 6.12
N SER A 367 41.62 -24.38 4.98
CA SER A 367 41.39 -23.59 3.78
C SER A 367 39.91 -23.24 3.64
N GLY A 368 39.65 -22.01 3.23
CA GLY A 368 38.30 -21.56 2.93
C GLY A 368 37.98 -21.48 1.46
N SER A 369 38.85 -21.97 0.59
CA SER A 369 38.62 -21.92 -0.85
C SER A 369 38.76 -23.25 -1.56
N GLN A 370 39.39 -24.26 -0.95
CA GLN A 370 39.85 -25.44 -1.68
C GLN A 370 38.72 -26.13 -2.45
N LYS A 371 37.66 -26.52 -1.74
CA LYS A 371 36.55 -27.24 -2.35
C LYS A 371 35.31 -26.36 -2.47
N LEU A 372 35.50 -25.04 -2.45
CA LEU A 372 34.38 -24.11 -2.42
C LEU A 372 33.53 -24.21 -3.69
N TYR A 373 34.16 -24.14 -4.86
CA TYR A 373 33.41 -24.20 -6.11
C TYR A 373 32.86 -25.60 -6.37
N ALA A 374 33.59 -26.63 -5.97
CA ALA A 374 33.08 -28.00 -6.11
C ALA A 374 31.84 -28.21 -5.26
N THR A 375 31.84 -27.71 -4.02
CA THR A 375 30.68 -27.86 -3.16
C THR A 375 29.49 -27.07 -3.71
N MET A 376 29.73 -25.85 -4.19
CA MET A 376 28.65 -25.06 -4.77
C MET A 376 28.06 -25.73 -6.00
N GLU A 377 28.92 -26.29 -6.86
CA GLU A 377 28.42 -27.00 -8.03
C GLU A 377 27.63 -28.24 -7.65
N LYS A 378 28.09 -28.95 -6.61
CA LYS A 378 27.40 -30.17 -6.19
C LYS A 378 25.96 -29.89 -5.77
N HIS A 379 25.73 -28.78 -5.06
CA HIS A 379 24.42 -28.45 -4.51
C HIS A 379 23.77 -27.25 -5.20
N LYS A 380 24.17 -26.94 -6.44
CA LYS A 380 23.76 -25.67 -7.04
C LYS A 380 22.24 -25.60 -7.25
N GLU A 381 21.63 -26.70 -7.67
CA GLU A 381 20.21 -26.68 -8.01
C GLU A 381 19.31 -26.41 -6.81
N VAL A 382 19.85 -26.50 -5.59
CA VAL A 382 19.04 -26.33 -4.40
C VAL A 382 18.96 -24.88 -3.92
N PHE A 383 19.93 -24.04 -4.27
CA PHE A 383 20.05 -22.69 -3.71
C PHE A 383 19.80 -21.63 -4.78
N PHE A 384 18.79 -20.80 -4.55
CA PHE A 384 18.39 -19.76 -5.48
C PHE A 384 18.86 -18.40 -4.97
N VAL A 385 19.52 -17.63 -5.84
CA VAL A 385 19.90 -16.25 -5.58
C VAL A 385 19.06 -15.38 -6.50
N ILE A 386 18.26 -14.50 -5.91
CA ILE A 386 17.24 -13.74 -6.64
C ILE A 386 17.62 -12.27 -6.61
N ARG A 387 17.92 -11.72 -7.78
CA ARG A 387 18.30 -10.32 -7.91
C ARG A 387 17.04 -9.46 -8.09
N LEU A 388 16.80 -8.56 -7.13
CA LEU A 388 15.67 -7.66 -7.18
C LEU A 388 16.03 -6.31 -7.79
N ILE A 389 17.21 -5.79 -7.46
CA ILE A 389 17.71 -4.54 -8.02
C ILE A 389 19.03 -4.82 -8.72
N ALA A 390 19.11 -4.43 -9.98
CA ALA A 390 20.21 -4.84 -10.84
C ALA A 390 20.94 -3.61 -11.39
N GLY A 391 22.18 -3.83 -11.79
CA GLY A 391 22.93 -2.82 -12.51
C GLY A 391 23.31 -1.63 -11.66
N PRO A 392 23.38 -0.46 -12.29
CA PRO A 392 23.83 0.75 -11.59
C PRO A 392 22.92 1.20 -10.46
N ALA A 393 21.63 0.82 -10.47
CA ALA A 393 20.72 1.28 -9.43
C ALA A 393 21.10 0.77 -8.05
N ALA A 394 21.66 -0.45 -7.97
CA ALA A 394 22.03 -1.01 -6.67
C ALA A 394 23.25 -0.34 -6.06
N ASN A 395 24.01 0.41 -6.85
CA ASN A 395 25.26 0.98 -6.35
C ASN A 395 25.03 2.16 -5.42
N SER A 396 23.98 2.96 -5.66
CA SER A 396 23.77 4.23 -4.97
C SER A 396 22.36 4.29 -4.39
N LEU A 397 22.05 3.34 -3.47
CA LEU A 397 20.71 3.41 -2.92
C LEU A 397 20.69 4.14 -1.58
N PRO A 398 19.58 4.78 -1.26
CA PRO A 398 19.43 5.42 0.05
C PRO A 398 19.27 4.37 1.15
N PRO A 399 19.40 4.77 2.42
CA PRO A 399 19.26 3.78 3.50
C PRO A 399 17.87 3.16 3.51
N ILE A 400 17.81 1.89 3.93
CA ILE A 400 16.54 1.19 4.05
C ILE A 400 15.86 1.63 5.33
N VAL A 401 14.60 2.04 5.22
CA VAL A 401 13.78 2.41 6.36
C VAL A 401 12.53 1.55 6.35
N ASP A 402 12.32 0.79 7.42
CA ASP A 402 11.14 -0.05 7.55
C ASP A 402 10.04 0.74 8.23
N PRO A 403 8.90 0.99 7.58
CA PRO A 403 7.84 1.77 8.24
C PRO A 403 7.14 1.01 9.35
N ASP A 404 7.28 -0.31 9.40
CA ASP A 404 6.59 -1.05 10.45
C ASP A 404 7.43 -1.08 11.73
N PRO A 405 6.78 -1.04 12.89
CA PRO A 405 7.51 -1.11 14.16
C PRO A 405 7.85 -2.55 14.53
N LEU A 406 8.71 -2.67 15.53
CA LEU A 406 9.00 -3.98 16.10
C LEU A 406 7.76 -4.54 16.76
N ILE A 407 7.54 -5.83 16.62
CA ILE A 407 6.39 -6.53 17.18
C ILE A 407 6.91 -7.64 18.09
N PRO A 408 7.01 -7.38 19.40
CA PRO A 408 7.46 -8.43 20.32
C PRO A 408 6.37 -9.48 20.50
N CYS A 409 6.71 -10.73 20.21
CA CYS A 409 5.78 -11.85 20.37
C CYS A 409 6.63 -13.08 20.57
N ASP A 410 6.76 -13.51 21.84
CA ASP A 410 7.61 -14.66 22.15
C ASP A 410 7.14 -15.93 21.46
N LEU A 411 5.82 -16.08 21.29
CA LEU A 411 5.29 -17.29 20.66
C LEU A 411 5.80 -17.46 19.24
N MET A 412 6.14 -16.36 18.57
CA MET A 412 6.55 -16.38 17.18
C MET A 412 8.01 -15.97 16.97
N ASP A 413 8.81 -15.97 18.04
CA ASP A 413 10.26 -15.76 17.91
C ASP A 413 10.87 -17.07 17.45
N GLY A 414 10.84 -17.29 16.14
CA GLY A 414 11.20 -18.58 15.58
C GLY A 414 10.01 -19.51 15.50
N ARG A 415 10.26 -20.69 14.94
CA ARG A 415 9.23 -21.68 14.72
C ARG A 415 9.03 -22.63 15.89
N ASP A 416 9.93 -22.62 16.89
CA ASP A 416 9.90 -23.65 17.93
C ASP A 416 8.78 -23.43 18.93
N ALA A 417 8.54 -22.17 19.32
CA ALA A 417 7.53 -21.91 20.35
C ALA A 417 6.13 -22.27 19.88
N PHE A 418 5.81 -22.00 18.62
CA PHE A 418 4.47 -22.32 18.11
C PHE A 418 4.27 -23.82 17.97
N LEU A 419 5.30 -24.53 17.50
CA LEU A 419 5.22 -25.99 17.41
C LEU A 419 5.05 -26.60 18.80
N THR A 420 5.78 -26.08 19.79
CA THR A 420 5.65 -26.58 21.15
C THR A 420 4.26 -26.32 21.70
N LEU A 421 3.72 -25.11 21.47
CA LEU A 421 2.38 -24.79 21.94
C LEU A 421 1.35 -25.70 21.28
N ALA A 422 1.48 -25.92 19.96
CA ALA A 422 0.56 -26.81 19.26
C ALA A 422 0.66 -28.24 19.77
N ARG A 423 1.88 -28.70 20.03
CA ARG A 423 2.05 -30.04 20.61
C ARG A 423 1.43 -30.12 22.00
N ASP A 424 1.63 -29.08 22.82
CA ASP A 424 1.13 -29.11 24.19
C ASP A 424 -0.39 -29.00 24.27
N LYS A 425 -1.04 -28.52 23.22
CA LYS A 425 -2.48 -28.24 23.27
C LYS A 425 -3.26 -29.03 22.22
N HIS A 426 -2.66 -30.06 21.64
CA HIS A 426 -3.32 -30.91 20.64
C HIS A 426 -3.86 -30.07 19.47
N LEU A 427 -3.08 -29.09 19.03
CA LEU A 427 -3.49 -28.22 17.93
C LEU A 427 -2.93 -28.81 16.63
N GLU A 428 -3.76 -29.62 15.97
CA GLU A 428 -3.38 -30.26 14.72
C GLU A 428 -3.91 -29.47 13.54
N PHE A 429 -3.20 -29.58 12.41
CA PHE A 429 -3.65 -29.03 11.14
C PHE A 429 -3.87 -30.13 10.13
N SER A 430 -4.24 -31.33 10.61
CA SER A 430 -4.33 -32.53 9.79
C SER A 430 -5.66 -32.66 9.07
N SER A 431 -6.65 -31.83 9.40
CA SER A 431 -7.94 -31.86 8.75
C SER A 431 -8.53 -30.46 8.81
N LEU A 432 -9.53 -30.21 7.96
CA LEU A 432 -10.11 -28.87 7.90
C LEU A 432 -10.70 -28.45 9.24
N ARG A 433 -11.44 -29.36 9.88
CA ARG A 433 -12.06 -29.03 11.16
C ARG A 433 -11.01 -28.79 12.24
N ARG A 434 -9.98 -29.63 12.29
CA ARG A 434 -8.95 -29.47 13.31
C ARG A 434 -8.10 -28.24 13.04
N ALA A 435 -7.80 -27.97 11.76
CA ALA A 435 -7.05 -26.77 11.41
C ALA A 435 -7.83 -25.51 11.72
N GLN A 436 -9.16 -25.55 11.60
CA GLN A 436 -9.97 -24.39 11.96
C GLN A 436 -9.98 -24.19 13.48
N TRP A 437 -10.07 -25.28 14.24
CA TRP A 437 -9.96 -25.17 15.69
C TRP A 437 -8.58 -24.68 16.11
N SER A 438 -7.54 -25.22 15.47
CA SER A 438 -6.18 -24.78 15.78
C SER A 438 -5.98 -23.32 15.40
N THR A 439 -6.57 -22.89 14.28
CA THR A 439 -6.52 -21.48 13.90
C THR A 439 -7.16 -20.61 14.96
N MET A 440 -8.35 -21.00 15.44
CA MET A 440 -9.04 -20.23 16.46
C MET A 440 -8.23 -20.15 17.75
N CYS A 441 -7.64 -21.27 18.17
CA CYS A 441 -6.79 -21.26 19.37
C CYS A 441 -5.54 -20.43 19.13
N MET A 442 -4.94 -20.53 17.95
CA MET A 442 -3.76 -19.73 17.64
C MET A 442 -4.07 -18.24 17.70
N LEU A 443 -5.21 -17.83 17.17
CA LEU A 443 -5.58 -16.42 17.18
C LEU A 443 -5.81 -15.92 18.60
N VAL A 444 -6.45 -16.75 19.44
CA VAL A 444 -6.70 -16.35 20.82
C VAL A 444 -5.39 -16.14 21.56
N GLU A 445 -4.41 -17.03 21.34
CA GLU A 445 -3.11 -16.88 21.99
C GLU A 445 -2.41 -15.60 21.53
N LEU A 446 -2.47 -15.29 20.23
CA LEU A 446 -1.79 -14.10 19.73
C LEU A 446 -2.41 -12.82 20.27
N HIS A 447 -3.73 -12.82 20.51
CA HIS A 447 -4.40 -11.64 21.02
C HIS A 447 -4.15 -11.43 22.52
N THR A 448 -3.98 -12.51 23.28
CA THR A 448 -3.76 -12.37 24.72
C THR A 448 -2.29 -12.11 25.02
N GLN A 449 -1.38 -12.74 24.28
CA GLN A 449 0.04 -12.46 24.46
C GLN A 449 0.41 -11.06 24.00
N SER A 450 -0.42 -10.44 23.18
CA SER A 450 -0.18 -9.09 22.70
C SER A 450 -0.37 -8.06 23.81
N TYR B 6 -15.52 42.39 20.53
CA TYR B 6 -15.01 41.46 19.54
C TYR B 6 -14.13 40.38 20.18
N CYS B 7 -14.17 39.17 19.63
CA CYS B 7 -13.35 38.07 20.15
C CYS B 7 -11.87 38.43 20.15
N CYS B 8 -11.40 38.94 19.03
CA CYS B 8 -10.04 39.44 18.88
C CYS B 8 -10.11 40.95 18.69
N GLY B 9 -8.95 41.59 18.64
CA GLY B 9 -8.99 43.01 18.42
C GLY B 9 -9.17 43.43 16.99
N ARG B 10 -9.42 42.49 16.09
CA ARG B 10 -9.44 42.77 14.66
C ARG B 10 -10.84 43.08 14.17
N LYS B 11 -10.93 44.10 13.31
CA LYS B 11 -12.12 44.35 12.51
C LYS B 11 -11.90 43.70 11.15
N LEU B 12 -12.75 42.73 10.81
CA LEU B 12 -12.49 41.84 9.68
C LEU B 12 -13.60 41.94 8.65
N GLU B 13 -13.20 41.94 7.38
CA GLU B 13 -14.14 41.96 6.26
C GLU B 13 -13.51 41.26 5.08
N PHE B 14 -14.35 40.78 4.17
CA PHE B 14 -13.87 40.13 2.96
C PHE B 14 -13.55 41.19 1.91
N SER B 15 -12.38 41.07 1.30
CA SER B 15 -11.98 41.97 0.23
C SER B 15 -12.69 41.62 -1.07
N PRO B 16 -12.91 42.60 -1.94
CA PRO B 16 -13.55 42.30 -3.24
C PRO B 16 -12.60 41.51 -4.13
N GLN B 17 -13.14 40.43 -4.70
CA GLN B 17 -12.39 39.55 -5.58
C GLN B 17 -12.36 40.07 -7.01
N THR B 18 -11.56 39.42 -7.85
CA THR B 18 -11.45 39.77 -9.25
C THR B 18 -12.55 39.06 -10.03
N LEU B 19 -13.23 39.79 -10.91
CA LEU B 19 -14.33 39.26 -11.71
C LEU B 19 -13.91 39.18 -13.17
N CYS B 20 -14.76 38.55 -13.97
CA CYS B 20 -14.50 38.40 -15.39
C CYS B 20 -15.05 39.60 -16.15
N CYS B 21 -14.35 39.96 -17.23
CA CYS B 21 -14.78 41.08 -18.06
C CYS B 21 -15.72 40.68 -19.18
N TYR B 22 -15.79 39.39 -19.54
CA TYR B 22 -16.73 38.89 -20.53
C TYR B 22 -16.46 39.45 -21.92
N GLY B 23 -15.37 40.20 -22.09
CA GLY B 23 -15.01 40.90 -23.31
C GLY B 23 -13.98 40.12 -24.09
N LYS B 24 -12.70 40.33 -23.80
CA LYS B 24 -11.57 39.84 -24.59
C LYS B 24 -11.26 38.36 -24.33
N GLN B 25 -12.16 37.64 -23.68
CA GLN B 25 -12.11 36.19 -23.48
C GLN B 25 -10.99 35.77 -22.53
N LEU B 26 -10.13 36.73 -22.17
CA LEU B 26 -9.22 36.57 -21.04
C LEU B 26 -9.01 37.99 -20.50
N CYS B 27 -9.86 38.38 -19.56
CA CYS B 27 -9.79 39.72 -19.00
C CYS B 27 -10.45 39.70 -17.64
N THR B 28 -9.82 40.40 -16.69
CA THR B 28 -10.29 40.44 -15.31
C THR B 28 -10.36 41.88 -14.85
N ILE B 29 -11.27 42.13 -13.91
CA ILE B 29 -11.49 43.45 -13.34
C ILE B 29 -10.91 43.43 -11.92
N PRO B 30 -9.82 44.15 -11.66
CA PRO B 30 -9.16 44.05 -10.36
C PRO B 30 -9.92 44.84 -9.29
N ARG B 31 -9.38 44.79 -8.08
CA ARG B 31 -9.99 45.50 -6.96
C ARG B 31 -9.93 47.00 -7.19
N ASP B 32 -10.97 47.70 -6.74
CA ASP B 32 -11.11 49.14 -6.80
C ASP B 32 -11.22 49.68 -8.22
N ALA B 33 -11.35 48.81 -9.21
CA ALA B 33 -11.46 49.24 -10.60
C ALA B 33 -12.89 49.69 -10.92
N THR B 34 -13.07 50.20 -12.13
CA THR B 34 -14.35 50.66 -12.61
C THR B 34 -14.87 49.70 -13.68
N TYR B 35 -16.15 49.37 -13.60
CA TYR B 35 -16.73 48.38 -14.50
C TYR B 35 -18.24 48.60 -14.60
N TYR B 36 -18.86 47.88 -15.52
CA TYR B 36 -20.30 47.91 -15.73
C TYR B 36 -20.87 46.50 -15.59
N SER B 37 -22.03 46.40 -14.96
CA SER B 37 -22.67 45.12 -14.69
C SER B 37 -24.14 45.16 -15.09
N TYR B 38 -24.66 43.99 -15.45
CA TYR B 38 -26.07 43.81 -15.78
C TYR B 38 -26.61 42.63 -15.00
N GLN B 39 -27.59 42.88 -14.12
CA GLN B 39 -28.22 41.85 -13.29
C GLN B 39 -27.20 41.09 -12.44
N ASN B 40 -26.06 41.74 -12.14
CA ASN B 40 -24.98 41.15 -11.36
C ASN B 40 -24.47 39.83 -11.93
N ARG B 41 -24.72 39.59 -13.22
CA ARG B 41 -24.25 38.40 -13.91
C ARG B 41 -23.17 38.71 -14.95
N TYR B 42 -23.41 39.69 -15.81
CA TYR B 42 -22.49 40.04 -16.87
C TYR B 42 -21.77 41.33 -16.48
N HIS B 43 -20.47 41.23 -16.23
CA HIS B 43 -19.64 42.38 -15.89
C HIS B 43 -18.66 42.67 -17.02
N PHE B 44 -18.44 43.96 -17.28
CA PHE B 44 -17.55 44.39 -18.34
C PHE B 44 -16.58 45.43 -17.78
N CYS B 45 -15.29 45.25 -18.04
CA CYS B 45 -14.33 46.27 -17.66
C CYS B 45 -14.60 47.54 -18.44
N GLU B 46 -14.34 48.69 -17.80
CA GLU B 46 -14.66 49.98 -18.42
C GLU B 46 -13.99 50.15 -19.78
N LYS B 47 -12.75 49.69 -19.91
CA LYS B 47 -12.09 49.76 -21.20
C LYS B 47 -12.80 48.89 -22.23
N CYS B 48 -13.02 47.62 -21.90
CA CYS B 48 -13.63 46.69 -22.86
C CYS B 48 -15.08 47.03 -23.16
N PHE B 49 -15.79 47.63 -22.20
CA PHE B 49 -17.18 48.00 -22.44
C PHE B 49 -17.29 49.14 -23.44
N ASN B 50 -16.40 50.14 -23.33
CA ASN B 50 -16.40 51.25 -24.26
C ASN B 50 -15.83 50.87 -25.62
N GLU B 51 -15.13 49.74 -25.71
CA GLU B 51 -14.62 49.28 -26.99
C GLU B 51 -15.68 48.59 -27.84
N ILE B 52 -16.93 48.55 -27.38
CA ILE B 52 -17.99 47.94 -28.16
C ILE B 52 -18.66 49.07 -28.93
N GLN B 53 -18.85 48.85 -30.23
CA GLN B 53 -19.36 49.89 -31.10
C GLN B 53 -20.86 50.08 -30.88
N GLY B 54 -21.24 51.31 -30.59
CA GLY B 54 -22.60 51.73 -30.34
C GLY B 54 -23.15 51.20 -29.02
N GLU B 55 -24.47 51.36 -28.88
CA GLU B 55 -25.17 51.06 -27.63
C GLU B 55 -25.96 49.76 -27.76
N SER B 56 -25.24 48.64 -27.71
CA SER B 56 -25.87 47.32 -27.79
C SER B 56 -24.88 46.24 -27.40
N VAL B 57 -25.26 45.36 -26.47
CA VAL B 57 -24.41 44.27 -26.02
C VAL B 57 -25.18 42.97 -26.17
N SER B 58 -24.62 42.03 -26.93
CA SER B 58 -25.18 40.69 -27.02
C SER B 58 -24.75 39.87 -25.81
N LEU B 59 -25.70 39.12 -25.25
CA LEU B 59 -25.43 38.31 -24.07
C LEU B 59 -25.91 36.88 -24.29
N GLY B 60 -25.29 35.95 -23.57
CA GLY B 60 -25.66 34.55 -23.64
C GLY B 60 -24.90 33.68 -22.67
N ASP B 61 -25.61 32.77 -22.00
CA ASP B 61 -24.99 31.88 -21.01
C ASP B 61 -25.08 30.42 -21.45
N GLN B 67 -28.93 34.35 -27.50
CA GLN B 67 -28.46 35.71 -27.68
C GLN B 67 -29.56 36.73 -27.41
N THR B 68 -29.23 37.79 -26.68
CA THR B 68 -30.15 38.87 -26.40
C THR B 68 -29.42 40.20 -26.45
N THR B 69 -29.99 41.18 -27.14
CA THR B 69 -29.41 42.52 -27.25
C THR B 69 -29.89 43.37 -26.07
N ILE B 70 -28.95 43.84 -25.26
CA ILE B 70 -29.24 44.70 -24.12
C ILE B 70 -28.56 46.04 -24.35
N ASN B 71 -29.30 47.14 -24.17
CA ASN B 71 -28.73 48.46 -24.37
C ASN B 71 -27.70 48.77 -23.29
N LYS B 72 -26.72 49.61 -23.65
CA LYS B 72 -25.71 50.01 -22.68
C LYS B 72 -26.29 50.88 -21.57
N GLU B 73 -27.47 51.46 -21.78
CA GLU B 73 -28.12 52.24 -20.73
C GLU B 73 -28.52 51.37 -19.54
N GLN B 74 -28.75 50.07 -19.77
CA GLN B 74 -29.23 49.18 -18.73
C GLN B 74 -28.11 48.60 -17.87
N PHE B 75 -26.88 49.06 -18.05
CA PHE B 75 -25.76 48.58 -17.26
C PHE B 75 -25.49 49.56 -16.13
N SER B 76 -24.96 49.04 -15.03
CA SER B 76 -24.70 49.82 -13.83
C SER B 76 -23.21 50.09 -13.72
N LYS B 77 -22.84 51.36 -13.61
CA LYS B 77 -21.45 51.74 -13.41
C LYS B 77 -21.10 51.64 -11.93
N ARG B 78 -20.17 50.76 -11.59
CA ARG B 78 -19.80 50.51 -10.21
C ARG B 78 -18.27 50.46 -10.09
N LYS B 79 -17.82 50.41 -8.84
CA LYS B 79 -16.42 50.23 -8.51
C LYS B 79 -16.27 48.96 -7.69
N ASN B 80 -15.24 48.17 -7.99
CA ASN B 80 -15.01 46.91 -7.30
C ASN B 80 -14.42 47.19 -5.92
N ASP B 81 -15.28 47.73 -5.04
CA ASP B 81 -14.84 48.11 -3.70
C ASP B 81 -15.84 47.71 -2.62
N THR B 82 -16.71 46.73 -2.88
CA THR B 82 -17.66 46.29 -1.87
C THR B 82 -16.95 45.42 -0.84
N LEU B 83 -17.16 45.75 0.44
CA LEU B 83 -16.51 45.07 1.55
C LEU B 83 -17.58 44.39 2.40
N ASP B 84 -17.69 43.07 2.29
CA ASP B 84 -18.65 42.33 3.10
C ASP B 84 -18.07 42.08 4.48
N PRO B 85 -18.70 42.57 5.55
CA PRO B 85 -18.16 42.34 6.89
C PRO B 85 -18.21 40.87 7.28
N GLU B 86 -17.28 40.48 8.14
CA GLU B 86 -17.29 39.12 8.67
C GLU B 86 -18.50 38.93 9.59
N LEU B 87 -18.99 37.70 9.64
CA LEU B 87 -20.20 37.39 10.39
C LEU B 87 -19.87 37.04 11.84
N PHE B 88 -20.83 37.28 12.72
CA PHE B 88 -20.69 36.97 14.13
C PHE B 88 -21.71 35.90 14.54
N VAL B 89 -21.35 35.14 15.57
CA VAL B 89 -22.24 34.17 16.19
C VAL B 89 -22.38 34.52 17.66
N GLU B 90 -23.51 34.14 18.24
CA GLU B 90 -23.85 34.49 19.62
C GLU B 90 -23.82 33.25 20.51
N CYS B 91 -23.13 33.35 21.64
CA CYS B 91 -23.14 32.29 22.62
C CYS B 91 -24.54 32.19 23.23
N THR B 92 -25.11 30.98 23.23
CA THR B 92 -26.48 30.79 23.70
C THR B 92 -26.61 30.94 25.21
N GLU B 93 -25.50 30.99 25.94
CA GLU B 93 -25.52 31.23 27.38
C GLU B 93 -24.92 32.57 27.75
N CYS B 94 -23.75 32.89 27.22
CA CYS B 94 -23.13 34.20 27.48
C CYS B 94 -23.92 35.32 26.84
N GLY B 95 -24.29 35.15 25.57
CA GLY B 95 -24.62 36.28 24.73
C GLY B 95 -23.42 36.92 24.09
N ARG B 96 -22.22 36.38 24.33
CA ARG B 96 -20.99 36.95 23.79
C ARG B 96 -20.94 36.76 22.27
N LYS B 97 -20.76 37.85 21.56
CA LYS B 97 -20.62 37.80 20.11
C LYS B 97 -19.19 37.48 19.74
N MET B 98 -19.03 36.56 18.78
CA MET B 98 -17.71 36.09 18.36
C MET B 98 -17.71 35.90 16.86
N HIS B 99 -16.55 36.10 16.23
CA HIS B 99 -16.41 35.84 14.82
C HIS B 99 -16.74 34.37 14.54
N GLN B 100 -17.58 34.14 13.53
CA GLN B 100 -17.92 32.75 13.19
C GLN B 100 -16.69 31.98 12.74
N ILE B 101 -15.81 32.61 11.98
CA ILE B 101 -14.59 31.95 11.52
C ILE B 101 -13.64 31.71 12.68
N CYS B 102 -13.57 32.65 13.64
CA CYS B 102 -12.65 32.51 14.75
C CYS B 102 -12.99 31.31 15.62
N VAL B 103 -14.27 31.08 15.89
CA VAL B 103 -14.67 29.96 16.74
C VAL B 103 -15.05 28.73 15.93
N LEU B 104 -15.13 28.83 14.61
CA LEU B 104 -15.39 27.68 13.73
C LEU B 104 -16.67 26.95 14.14
N HIS B 105 -17.77 27.71 14.22
CA HIS B 105 -19.07 27.16 14.55
C HIS B 105 -19.89 27.01 13.27
N HIS B 106 -20.28 25.78 12.96
CA HIS B 106 -21.08 25.47 11.79
C HIS B 106 -22.45 24.99 12.25
N GLU B 107 -23.51 25.58 11.69
CA GLU B 107 -24.86 25.31 12.19
C GLU B 107 -25.30 23.87 11.92
N ILE B 108 -24.76 23.24 10.87
CA ILE B 108 -25.12 21.85 10.60
C ILE B 108 -24.44 20.91 11.58
N ILE B 109 -23.16 21.16 11.90
CA ILE B 109 -22.43 20.28 12.81
C ILE B 109 -23.01 20.38 14.22
N TRP B 110 -23.36 21.58 14.66
CA TRP B 110 -23.88 21.81 16.01
C TRP B 110 -25.19 22.59 15.89
N PRO B 111 -26.28 21.92 15.49
CA PRO B 111 -27.56 22.61 15.36
C PRO B 111 -28.17 23.05 16.70
N ALA B 112 -27.66 22.53 17.82
CA ALA B 112 -28.17 22.92 19.13
C ALA B 112 -27.83 24.37 19.47
N GLY B 113 -26.94 25.00 18.74
CA GLY B 113 -26.52 26.36 19.00
C GLY B 113 -25.07 26.44 19.48
N PHE B 114 -24.49 27.62 19.31
CA PHE B 114 -23.10 27.84 19.64
C PHE B 114 -22.94 28.14 21.14
N VAL B 115 -22.00 27.46 21.77
CA VAL B 115 -21.64 27.72 23.17
C VAL B 115 -20.15 28.01 23.21
N CYS B 116 -19.80 29.15 23.80
CA CYS B 116 -18.41 29.60 23.79
C CYS B 116 -17.54 28.72 24.68
N ASP B 117 -16.23 28.87 24.51
CA ASP B 117 -15.28 28.08 25.30
C ASP B 117 -15.40 28.39 26.79
N GLY B 118 -15.62 29.66 27.13
CA GLY B 118 -15.74 30.03 28.53
C GLY B 118 -16.85 29.29 29.25
N CYS B 119 -18.03 29.24 28.62
CA CYS B 119 -19.15 28.52 29.23
C CYS B 119 -18.87 27.03 29.33
N LEU B 120 -18.25 26.46 28.29
CA LEU B 120 -17.97 25.03 28.28
C LEU B 120 -17.03 24.65 29.43
N LYS B 121 -15.95 25.41 29.61
CA LYS B 121 -14.99 25.10 30.66
C LYS B 121 -15.59 25.30 32.05
N LYS B 122 -16.49 26.27 32.22
CA LYS B 122 -17.07 26.54 33.53
C LYS B 122 -17.91 25.37 34.03
N SER B 123 -18.51 24.59 33.13
CA SER B 123 -19.21 23.38 33.51
C SER B 123 -18.47 22.13 33.05
N ALA B 124 -17.20 22.29 32.68
CA ALA B 124 -16.33 21.17 32.31
C ALA B 124 -16.98 20.29 31.24
N ARG B 125 -17.39 20.91 30.15
CA ARG B 125 -18.00 20.20 29.03
C ARG B 125 -17.19 20.49 27.78
N THR B 126 -17.46 19.71 26.74
CA THR B 126 -16.82 19.89 25.46
C THR B 126 -17.89 19.90 24.37
N ARG B 127 -17.50 20.39 23.20
CA ARG B 127 -18.41 20.37 22.07
C ARG B 127 -18.72 18.94 21.67
N LYS B 128 -19.91 18.74 21.12
CA LYS B 128 -20.24 17.44 20.55
C LYS B 128 -19.28 17.14 19.41
N GLU B 129 -18.91 15.87 19.27
CA GLU B 129 -17.88 15.49 18.32
C GLU B 129 -18.26 15.85 16.89
N ASN B 130 -17.29 16.32 16.12
CA ASN B 130 -17.48 16.72 14.73
C ASN B 130 -17.50 15.46 13.88
N LYS B 131 -18.71 14.97 13.57
CA LYS B 131 -18.87 13.83 12.68
C LYS B 131 -18.56 14.16 11.22
N PHE B 132 -18.33 15.42 10.88
CA PHE B 132 -18.13 15.84 9.50
C PHE B 132 -16.67 16.18 9.22
N SER B 133 -15.75 15.41 9.80
CA SER B 133 -14.32 15.64 9.61
C SER B 133 -13.81 14.98 8.33
N ALA B 134 -12.57 15.33 7.97
CA ALA B 134 -11.92 14.73 6.82
C ALA B 134 -11.67 13.24 7.02
N LYS B 135 -11.32 12.84 8.25
CA LYS B 135 -11.05 11.44 8.52
C LYS B 135 -12.28 10.58 8.27
N ARG B 136 -13.46 11.11 8.58
CA ARG B 136 -14.70 10.34 8.45
C ARG B 136 -15.23 10.32 7.03
N LEU B 137 -14.57 10.99 6.09
CA LEU B 137 -14.92 10.82 4.69
C LEU B 137 -14.61 9.38 4.26
N PRO B 138 -15.43 8.78 3.39
CA PRO B 138 -15.17 7.41 2.97
C PRO B 138 -13.77 7.27 2.36
N SER B 139 -13.08 6.20 2.73
CA SER B 139 -11.71 6.01 2.30
C SER B 139 -11.66 5.12 1.06
N THR B 140 -10.53 5.18 0.37
CA THR B 140 -10.32 4.42 -0.86
C THR B 140 -8.93 3.81 -0.83
N ARG B 141 -8.72 2.84 -1.71
CA ARG B 141 -7.39 2.24 -1.84
C ARG B 141 -6.36 3.27 -2.27
N LEU B 142 -6.71 4.12 -3.23
CA LEU B 142 -5.79 5.18 -3.66
C LEU B 142 -5.58 6.18 -2.53
N GLY B 143 -6.65 6.55 -1.83
CA GLY B 143 -6.51 7.49 -0.73
C GLY B 143 -5.68 6.93 0.42
N THR B 144 -5.93 5.67 0.79
CA THR B 144 -5.13 5.03 1.83
C THR B 144 -3.68 4.91 1.42
N PHE B 145 -3.42 4.56 0.15
CA PHE B 145 -2.05 4.42 -0.33
C PHE B 145 -1.28 5.73 -0.19
N LEU B 146 -1.91 6.85 -0.54
CA LEU B 146 -1.22 8.13 -0.51
C LEU B 146 -1.00 8.63 0.91
N GLU B 147 -2.02 8.51 1.77
CA GLU B 147 -1.89 9.03 3.12
C GLU B 147 -0.94 8.17 3.98
N ASN B 148 -0.88 6.87 3.70
CA ASN B 148 0.10 6.03 4.37
C ASN B 148 1.53 6.47 4.03
N ARG B 149 1.78 6.75 2.75
CA ARG B 149 3.11 7.17 2.33
C ARG B 149 3.51 8.49 2.98
N VAL B 150 2.59 9.45 3.02
CA VAL B 150 2.91 10.76 3.59
C VAL B 150 3.12 10.65 5.09
N ASN B 151 2.24 9.94 5.78
CA ASN B 151 2.35 9.85 7.24
C ASN B 151 3.57 9.03 7.65
N ASP B 152 3.94 8.02 6.87
CA ASP B 152 5.19 7.31 7.12
C ASP B 152 6.37 8.24 6.97
N PHE B 153 6.35 9.10 5.95
CA PHE B 153 7.42 10.08 5.76
C PHE B 153 7.48 11.06 6.93
N LEU B 154 6.32 11.51 7.41
CA LEU B 154 6.30 12.47 8.51
C LEU B 154 6.85 11.85 9.79
N ARG B 155 6.48 10.60 10.08
CA ARG B 155 7.01 9.93 11.26
C ARG B 155 8.51 9.70 11.14
N ARG B 156 9.02 9.54 9.92
CA ARG B 156 10.46 9.44 9.70
C ARG B 156 11.17 10.70 10.16
N GLN B 157 10.65 11.87 9.78
CA GLN B 157 11.29 13.14 10.14
C GLN B 157 11.12 13.46 11.62
N ASN B 158 10.01 13.02 12.24
CA ASN B 158 9.78 13.19 13.66
C ASN B 158 9.85 14.66 14.07
N HIS B 159 9.26 15.52 13.24
CA HIS B 159 9.17 16.94 13.57
C HIS B 159 8.03 17.17 14.56
N PRO B 160 8.29 17.82 15.70
CA PRO B 160 7.24 17.97 16.72
C PRO B 160 6.03 18.77 16.26
N GLU B 161 6.17 19.61 15.22
CA GLU B 161 5.07 20.45 14.80
C GLU B 161 4.10 19.76 13.84
N SER B 162 4.53 18.71 13.15
CA SER B 162 3.71 18.10 12.12
C SER B 162 2.49 17.42 12.73
N GLY B 163 1.42 17.32 11.93
CA GLY B 163 0.19 16.67 12.33
C GLY B 163 -0.19 15.57 11.36
N GLU B 164 -1.21 14.81 11.75
CA GLU B 164 -1.67 13.70 10.92
C GLU B 164 -2.23 14.21 9.60
N VAL B 165 -1.91 13.52 8.52
CA VAL B 165 -2.32 13.90 7.17
C VAL B 165 -3.35 12.89 6.68
N THR B 166 -4.48 13.40 6.20
CA THR B 166 -5.54 12.58 5.65
C THR B 166 -5.69 12.88 4.15
N VAL B 167 -5.72 11.83 3.34
CA VAL B 167 -5.90 11.96 1.90
C VAL B 167 -7.16 11.20 1.51
N ARG B 168 -8.07 11.88 0.82
CA ARG B 168 -9.36 11.31 0.46
C ARG B 168 -9.67 11.59 -1.00
N VAL B 169 -10.06 10.54 -1.73
CA VAL B 169 -10.63 10.71 -3.05
C VAL B 169 -12.11 11.06 -2.88
N VAL B 170 -12.51 12.22 -3.40
CA VAL B 170 -13.86 12.73 -3.20
C VAL B 170 -14.72 12.64 -4.44
N HIS B 171 -14.17 12.29 -5.58
CA HIS B 171 -14.96 12.11 -6.79
C HIS B 171 -14.27 11.09 -7.69
N ALA B 172 -15.07 10.26 -8.35
CA ALA B 172 -14.56 9.33 -9.36
C ALA B 172 -15.72 8.97 -10.27
N SER B 173 -15.58 9.25 -11.56
CA SER B 173 -16.62 8.95 -12.53
C SER B 173 -16.00 8.71 -13.89
N ASP B 174 -16.75 8.02 -14.75
CA ASP B 174 -16.30 7.69 -16.10
C ASP B 174 -16.83 8.73 -17.07
N LYS B 175 -15.95 9.24 -17.92
CA LYS B 175 -16.27 10.30 -18.86
C LYS B 175 -15.61 9.99 -20.20
N THR B 176 -15.84 10.86 -21.18
CA THR B 176 -15.21 10.74 -22.48
C THR B 176 -14.74 12.11 -22.93
N VAL B 177 -13.56 12.14 -23.57
CA VAL B 177 -13.09 13.33 -24.25
C VAL B 177 -13.35 13.13 -25.74
N GLU B 178 -13.98 14.12 -26.37
CA GLU B 178 -14.42 13.99 -27.75
C GLU B 178 -13.50 14.81 -28.66
N VAL B 179 -13.15 14.21 -29.80
CA VAL B 179 -12.27 14.87 -30.76
C VAL B 179 -12.97 16.08 -31.34
N LYS B 180 -12.29 17.21 -31.34
CA LYS B 180 -12.88 18.48 -31.77
C LYS B 180 -13.08 18.47 -33.29
N PRO B 181 -13.96 19.33 -33.81
CA PRO B 181 -14.39 19.18 -35.21
C PRO B 181 -13.25 19.21 -36.24
N GLY B 182 -12.23 20.03 -36.02
CA GLY B 182 -11.13 20.09 -36.97
C GLY B 182 -10.39 18.76 -37.07
N MET B 183 -9.94 18.24 -35.92
CA MET B 183 -9.29 16.93 -35.93
C MET B 183 -10.27 15.83 -36.32
N LYS B 184 -11.54 15.98 -35.95
CA LYS B 184 -12.55 14.98 -36.33
C LYS B 184 -12.67 14.88 -37.86
N ALA B 185 -12.72 16.03 -38.53
CA ALA B 185 -12.82 16.02 -39.99
C ALA B 185 -11.58 15.43 -40.64
N ARG B 186 -10.41 15.69 -40.05
CA ARG B 186 -9.16 15.23 -40.64
C ARG B 186 -8.97 13.72 -40.45
N PHE B 187 -8.96 13.27 -39.19
CA PHE B 187 -8.55 11.90 -38.87
C PHE B 187 -9.68 10.98 -38.48
N VAL B 188 -10.74 11.49 -37.84
CA VAL B 188 -11.80 10.61 -37.35
C VAL B 188 -12.69 10.13 -38.48
N ASP B 189 -13.16 11.06 -39.33
CA ASP B 189 -14.07 10.69 -40.39
C ASP B 189 -13.41 9.77 -41.43
N SER B 190 -12.09 9.84 -41.55
CA SER B 190 -11.35 8.99 -42.47
C SER B 190 -11.00 7.64 -41.87
N GLY B 191 -11.32 7.40 -40.61
CA GLY B 191 -11.04 6.14 -39.96
C GLY B 191 -9.65 6.02 -39.34
N GLU B 192 -8.85 7.08 -39.39
CA GLU B 192 -7.49 7.01 -38.86
C GLU B 192 -7.42 7.21 -37.36
N MET B 193 -8.48 7.68 -36.73
CA MET B 193 -8.45 8.01 -35.31
C MET B 193 -9.80 7.74 -34.68
N ALA B 194 -9.78 7.29 -33.42
CA ALA B 194 -11.03 7.11 -32.68
C ALA B 194 -11.67 8.46 -32.41
N GLU B 195 -13.00 8.49 -32.44
CA GLU B 195 -13.73 9.75 -32.28
C GLU B 195 -13.81 10.20 -30.83
N SER B 196 -13.60 9.30 -29.87
CA SER B 196 -13.63 9.66 -28.47
C SER B 196 -12.76 8.69 -27.69
N PHE B 197 -12.32 9.13 -26.51
CA PHE B 197 -11.46 8.32 -25.64
C PHE B 197 -12.08 8.27 -24.27
N PRO B 198 -12.43 7.09 -23.76
CA PRO B 198 -12.99 7.00 -22.41
C PRO B 198 -11.90 7.12 -21.35
N TYR B 199 -12.26 7.77 -20.25
CA TYR B 199 -11.32 7.92 -19.15
C TYR B 199 -12.10 8.07 -17.85
N ARG B 200 -11.41 7.81 -16.74
CA ARG B 200 -11.95 8.03 -15.42
C ARG B 200 -11.31 9.28 -14.82
N THR B 201 -12.14 10.20 -14.34
CA THR B 201 -11.65 11.39 -13.66
C THR B 201 -11.74 11.16 -12.15
N LYS B 202 -10.76 11.69 -11.42
CA LYS B 202 -10.70 11.54 -9.98
C LYS B 202 -10.27 12.86 -9.37
N ALA B 203 -10.88 13.20 -8.24
CA ALA B 203 -10.52 14.38 -7.47
C ALA B 203 -10.15 13.94 -6.05
N LEU B 204 -8.96 14.32 -5.60
CA LEU B 204 -8.50 13.98 -4.27
C LEU B 204 -7.92 15.21 -3.59
N PHE B 205 -8.05 15.25 -2.27
CA PHE B 205 -7.55 16.33 -1.46
C PHE B 205 -6.75 15.78 -0.29
N ALA B 206 -5.80 16.57 0.19
CA ALA B 206 -4.97 16.22 1.34
C ALA B 206 -5.26 17.19 2.47
N PHE B 207 -5.45 16.64 3.67
CA PHE B 207 -5.76 17.42 4.87
C PHE B 207 -4.71 17.16 5.93
N GLU B 208 -4.38 18.19 6.70
CA GLU B 208 -3.51 18.03 7.87
C GLU B 208 -4.25 18.56 9.10
N GLU B 209 -4.29 17.75 10.15
CA GLU B 209 -4.88 18.18 11.42
C GLU B 209 -3.85 18.97 12.20
N ILE B 210 -4.15 20.24 12.47
CA ILE B 210 -3.26 21.12 13.22
C ILE B 210 -4.01 21.56 14.48
N ASP B 211 -3.59 21.03 15.62
CA ASP B 211 -4.20 21.34 16.91
C ASP B 211 -5.70 21.08 16.91
N GLY B 212 -6.08 19.90 16.42
CA GLY B 212 -7.45 19.44 16.47
C GLY B 212 -8.37 19.96 15.38
N VAL B 213 -7.86 20.67 14.39
CA VAL B 213 -8.70 21.26 13.33
C VAL B 213 -8.15 20.82 11.98
N ASP B 214 -9.04 20.34 11.11
CA ASP B 214 -8.65 19.95 9.77
C ASP B 214 -8.24 21.16 8.94
N LEU B 215 -7.21 21.00 8.11
CA LEU B 215 -6.82 22.01 7.15
C LEU B 215 -6.54 21.36 5.81
N CYS B 216 -7.34 21.72 4.80
CA CYS B 216 -7.11 21.27 3.43
C CYS B 216 -6.00 22.10 2.82
N PHE B 217 -4.92 21.46 2.39
CA PHE B 217 -3.77 22.18 1.85
C PHE B 217 -3.35 21.74 0.46
N PHE B 218 -4.00 20.74 -0.13
CA PHE B 218 -3.60 20.24 -1.44
C PHE B 218 -4.80 19.64 -2.15
N GLY B 219 -4.87 19.84 -3.45
CA GLY B 219 -5.95 19.28 -4.26
C GLY B 219 -5.44 18.94 -5.64
N MET B 220 -6.09 17.96 -6.27
CA MET B 220 -5.65 17.48 -7.58
C MET B 220 -6.79 16.78 -8.29
N HIS B 221 -6.91 17.03 -9.60
CA HIS B 221 -7.80 16.30 -10.49
C HIS B 221 -6.96 15.58 -11.55
N VAL B 222 -7.31 14.33 -11.85
CA VAL B 222 -6.56 13.53 -12.80
C VAL B 222 -7.51 12.89 -13.81
N GLN B 223 -6.95 12.56 -14.98
CA GLN B 223 -7.63 11.79 -16.01
C GLN B 223 -6.85 10.51 -16.24
N GLU B 224 -7.52 9.36 -16.13
CA GLU B 224 -6.87 8.07 -16.25
C GLU B 224 -7.51 7.30 -17.39
N TYR B 225 -6.70 6.95 -18.39
CA TYR B 225 -7.15 6.24 -19.59
C TYR B 225 -6.65 4.81 -19.50
N GLY B 226 -7.57 3.86 -19.35
CA GLY B 226 -7.23 2.48 -19.07
C GLY B 226 -6.82 1.70 -20.31
N SER B 227 -6.70 0.38 -20.11
CA SER B 227 -6.30 -0.51 -21.19
C SER B 227 -7.39 -0.73 -22.22
N ASP B 228 -8.65 -0.44 -21.87
CA ASP B 228 -9.73 -0.48 -22.85
C ASP B 228 -9.65 0.67 -23.84
N CYS B 229 -9.00 1.78 -23.46
CA CYS B 229 -8.95 2.95 -24.30
C CYS B 229 -8.17 2.68 -25.59
N PRO B 230 -8.61 3.21 -26.72
CA PRO B 230 -7.82 3.09 -27.95
C PRO B 230 -6.60 3.98 -27.91
N PRO B 231 -5.58 3.68 -28.72
CA PRO B 231 -4.43 4.58 -28.85
C PRO B 231 -4.86 5.92 -29.45
N PRO B 232 -4.10 7.00 -29.23
CA PRO B 232 -2.81 7.02 -28.51
C PRO B 232 -2.93 7.33 -27.02
N ASN B 233 -4.11 7.12 -26.45
CA ASN B 233 -4.35 7.50 -25.05
C ASN B 233 -4.25 6.34 -24.07
N GLN B 234 -4.19 5.09 -24.54
CA GLN B 234 -4.34 3.96 -23.64
C GLN B 234 -3.20 3.87 -22.64
N ARG B 235 -3.53 3.44 -21.43
CA ARG B 235 -2.56 3.26 -20.34
C ARG B 235 -1.80 4.55 -20.03
N ARG B 236 -2.50 5.68 -20.11
CA ARG B 236 -1.92 6.99 -19.82
C ARG B 236 -2.73 7.69 -18.74
N VAL B 237 -2.04 8.43 -17.89
CA VAL B 237 -2.67 9.27 -16.88
C VAL B 237 -2.24 10.71 -17.14
N TYR B 238 -3.17 11.64 -16.93
CA TYR B 238 -2.94 13.05 -17.18
C TYR B 238 -3.38 13.82 -15.96
N ILE B 239 -2.56 14.75 -15.49
CA ILE B 239 -2.89 15.58 -14.35
C ILE B 239 -3.62 16.79 -14.89
N SER B 240 -4.93 16.88 -14.62
CA SER B 240 -5.64 18.04 -15.14
C SER B 240 -5.16 19.31 -14.44
N TYR B 241 -5.25 19.34 -13.11
CA TYR B 241 -5.04 20.55 -12.31
C TYR B 241 -4.56 20.14 -10.93
N LEU B 242 -3.66 20.93 -10.36
CA LEU B 242 -3.27 20.78 -8.95
C LEU B 242 -3.20 22.16 -8.31
N ASP B 243 -3.42 22.21 -7.00
CA ASP B 243 -3.44 23.46 -6.28
C ASP B 243 -3.07 23.21 -4.82
N SER B 244 -2.69 24.28 -4.13
CA SER B 244 -2.21 24.13 -2.75
C SER B 244 -2.47 25.42 -1.97
N VAL B 245 -2.57 25.25 -0.66
CA VAL B 245 -2.59 26.34 0.31
C VAL B 245 -1.39 26.14 1.23
N HIS B 246 -0.59 27.19 1.38
CA HIS B 246 0.79 27.04 1.85
C HIS B 246 0.92 26.97 3.37
N PHE B 247 -0.13 26.53 4.06
CA PHE B 247 -0.14 26.50 5.52
C PHE B 247 0.20 25.14 6.10
N PHE B 248 0.90 24.28 5.35
CA PHE B 248 1.34 23.01 5.92
C PHE B 248 2.37 23.23 7.01
N ARG B 249 2.22 22.51 8.11
CA ARG B 249 3.09 22.63 9.26
C ARG B 249 3.87 21.35 9.48
N PRO B 250 5.22 21.42 9.61
CA PRO B 250 6.05 22.63 9.55
C PRO B 250 6.33 23.10 8.12
N LYS B 251 6.76 24.36 8.00
CA LYS B 251 7.02 24.95 6.69
C LYS B 251 8.12 24.21 5.94
N CYS B 252 9.14 23.74 6.65
CA CYS B 252 10.30 23.14 5.99
C CYS B 252 9.99 21.81 5.32
N LEU B 253 8.82 21.22 5.56
CA LEU B 253 8.44 19.96 4.96
C LEU B 253 7.35 20.11 3.91
N ARG B 254 6.97 21.34 3.56
CA ARG B 254 5.85 21.55 2.64
C ARG B 254 6.15 20.96 1.26
N THR B 255 7.31 21.29 0.70
CA THR B 255 7.66 20.79 -0.63
C THR B 255 7.80 19.28 -0.64
N ALA B 256 8.41 18.71 0.40
CA ALA B 256 8.60 17.27 0.46
C ALA B 256 7.26 16.53 0.52
N VAL B 257 6.30 17.07 1.27
CA VAL B 257 4.99 16.44 1.35
C VAL B 257 4.29 16.50 -0.01
N TYR B 258 4.42 17.62 -0.71
CA TYR B 258 3.87 17.70 -2.07
C TYR B 258 4.52 16.66 -2.97
N HIS B 259 5.84 16.50 -2.86
CA HIS B 259 6.53 15.49 -3.65
C HIS B 259 6.06 14.09 -3.30
N GLU B 260 5.88 13.80 -2.01
CA GLU B 260 5.44 12.47 -1.60
C GLU B 260 4.07 12.13 -2.16
N ILE B 261 3.16 13.11 -2.17
CA ILE B 261 1.82 12.88 -2.71
C ILE B 261 1.90 12.60 -4.21
N LEU B 262 2.66 13.42 -4.93
CA LEU B 262 2.72 13.30 -6.39
C LEU B 262 3.45 12.02 -6.81
N ILE B 263 4.59 11.72 -6.18
CA ILE B 263 5.31 10.50 -6.50
C ILE B 263 4.50 9.28 -6.10
N GLY B 264 3.80 9.36 -4.97
CA GLY B 264 2.93 8.27 -4.57
C GLY B 264 1.85 7.97 -5.58
N TYR B 265 1.27 9.02 -6.18
CA TYR B 265 0.26 8.80 -7.21
C TYR B 265 0.86 8.11 -8.42
N LEU B 266 2.05 8.54 -8.85
CA LEU B 266 2.72 7.89 -9.97
C LEU B 266 3.05 6.44 -9.65
N GLU B 267 3.50 6.17 -8.43
CA GLU B 267 3.76 4.80 -8.01
C GLU B 267 2.49 3.97 -8.04
N TYR B 268 1.37 4.55 -7.60
CA TYR B 268 0.11 3.81 -7.54
C TYR B 268 -0.39 3.43 -8.93
N VAL B 269 -0.43 4.40 -9.85
CA VAL B 269 -0.95 4.10 -11.18
C VAL B 269 0.00 3.20 -11.96
N LYS B 270 1.31 3.32 -11.71
CA LYS B 270 2.25 2.39 -12.31
C LYS B 270 1.97 0.96 -11.89
N LYS B 271 1.67 0.75 -10.60
CA LYS B 271 1.34 -0.58 -10.11
C LYS B 271 0.08 -1.12 -10.77
N LEU B 272 -0.90 -0.24 -11.03
CA LEU B 272 -2.13 -0.67 -11.68
C LEU B 272 -1.91 -1.12 -13.12
N GLY B 273 -0.85 -0.66 -13.76
CA GLY B 273 -0.57 -1.01 -15.15
C GLY B 273 -0.49 0.18 -16.09
N TYR B 274 -0.63 1.42 -15.61
CA TYR B 274 -0.47 2.57 -16.47
C TYR B 274 1.01 2.77 -16.81
N THR B 275 1.28 3.00 -18.09
CA THR B 275 2.66 3.07 -18.57
C THR B 275 3.22 4.49 -18.61
N THR B 276 2.37 5.50 -18.77
CA THR B 276 2.85 6.86 -18.99
C THR B 276 2.01 7.86 -18.21
N GLY B 277 2.68 8.86 -17.65
CA GLY B 277 2.01 10.00 -17.05
C GLY B 277 2.37 11.28 -17.78
N HIS B 278 1.45 12.23 -17.76
CA HIS B 278 1.61 13.48 -18.50
C HIS B 278 1.31 14.67 -17.58
N ILE B 279 2.19 15.67 -17.62
CA ILE B 279 2.07 16.87 -16.82
C ILE B 279 2.23 18.09 -17.71
N TRP B 280 1.31 19.04 -17.59
CA TRP B 280 1.38 20.32 -18.29
C TRP B 280 1.78 21.37 -17.26
N ALA B 281 3.04 21.78 -17.30
CA ALA B 281 3.58 22.74 -16.33
C ALA B 281 3.19 24.15 -16.75
N CYS B 282 2.04 24.60 -16.26
CA CYS B 282 1.49 25.90 -16.64
C CYS B 282 1.05 26.65 -15.39
N PRO B 283 1.79 27.68 -14.96
CA PRO B 283 1.34 28.46 -13.80
C PRO B 283 0.06 29.21 -14.11
N PRO B 284 -0.79 29.45 -13.11
CA PRO B 284 -2.05 30.15 -13.36
C PRO B 284 -1.83 31.64 -13.65
N SER B 285 -2.81 32.21 -14.34
CA SER B 285 -2.80 33.64 -14.63
C SER B 285 -3.02 34.45 -13.36
N GLU B 286 -2.62 35.72 -13.40
CA GLU B 286 -2.79 36.60 -12.26
C GLU B 286 -4.27 36.74 -11.92
N GLY B 287 -4.59 36.57 -10.65
CA GLY B 287 -5.96 36.63 -10.20
C GLY B 287 -6.78 35.39 -10.50
N ASP B 288 -6.17 34.34 -11.05
CA ASP B 288 -6.86 33.11 -11.37
C ASP B 288 -6.57 32.04 -10.32
N ASP B 289 -7.59 31.26 -9.99
CA ASP B 289 -7.49 30.19 -9.01
C ASP B 289 -7.77 28.86 -9.68
N TYR B 290 -6.88 27.88 -9.49
CA TYR B 290 -7.07 26.57 -10.07
C TYR B 290 -8.18 25.80 -9.35
N ILE B 291 -7.98 25.53 -8.06
CA ILE B 291 -8.93 24.75 -7.27
C ILE B 291 -9.43 25.52 -6.06
N PHE B 292 -8.53 26.18 -5.34
CA PHE B 292 -8.87 26.87 -4.10
C PHE B 292 -9.12 28.35 -4.37
N HIS B 293 -10.25 28.85 -3.89
CA HIS B 293 -10.63 30.24 -4.11
C HIS B 293 -9.88 31.15 -3.14
N CYS B 294 -9.36 32.25 -3.67
CA CYS B 294 -8.75 33.33 -2.88
C CYS B 294 -7.54 32.81 -2.08
N HIS B 295 -6.48 32.49 -2.82
CA HIS B 295 -5.20 32.12 -2.22
C HIS B 295 -4.68 33.23 -1.31
N PRO B 296 -3.80 32.90 -0.37
CA PRO B 296 -3.20 33.94 0.49
C PRO B 296 -2.41 34.94 -0.33
N PRO B 297 -2.44 36.22 0.03
CA PRO B 297 -1.72 37.23 -0.76
C PRO B 297 -0.22 37.04 -0.81
N ASP B 298 0.38 36.36 0.18
CA ASP B 298 1.82 36.14 0.20
C ASP B 298 2.22 34.75 -0.27
N GLN B 299 1.28 33.96 -0.80
CA GLN B 299 1.61 32.71 -1.46
C GLN B 299 1.94 33.04 -2.91
N LYS B 300 3.24 33.10 -3.21
CA LYS B 300 3.67 33.58 -4.51
C LYS B 300 3.42 32.54 -5.59
N ILE B 301 3.03 33.02 -6.77
CA ILE B 301 2.86 32.18 -7.94
C ILE B 301 4.23 32.00 -8.61
N PRO B 302 4.71 30.76 -8.76
CA PRO B 302 6.03 30.58 -9.38
C PRO B 302 6.04 30.97 -10.85
N LYS B 303 7.19 31.46 -11.29
CA LYS B 303 7.43 31.71 -12.70
C LYS B 303 7.64 30.39 -13.44
N PRO B 304 7.43 30.37 -14.76
CA PRO B 304 7.50 29.09 -15.49
C PRO B 304 8.81 28.34 -15.30
N LYS B 305 9.94 29.04 -15.23
CA LYS B 305 11.21 28.36 -15.02
C LYS B 305 11.25 27.65 -13.68
N ARG B 306 10.75 28.30 -12.62
CA ARG B 306 10.69 27.66 -11.31
C ARG B 306 9.77 26.45 -11.33
N LEU B 307 8.60 26.57 -11.95
CA LEU B 307 7.65 25.46 -11.98
C LEU B 307 8.25 24.26 -12.69
N GLN B 308 8.96 24.49 -13.80
CA GLN B 308 9.60 23.39 -14.50
C GLN B 308 10.68 22.75 -13.64
N GLU B 309 11.48 23.57 -12.95
CA GLU B 309 12.50 23.03 -12.07
C GLU B 309 11.88 22.26 -10.91
N TRP B 310 10.75 22.75 -10.38
CA TRP B 310 10.08 22.07 -9.29
C TRP B 310 9.63 20.67 -9.70
N PHE B 311 9.05 20.54 -10.90
CA PHE B 311 8.64 19.23 -11.38
C PHE B 311 9.84 18.33 -11.65
N LYS B 312 10.93 18.90 -12.17
CA LYS B 312 12.14 18.12 -12.42
C LYS B 312 12.69 17.51 -11.14
N LYS B 313 12.75 18.31 -10.06
CA LYS B 313 13.26 17.80 -8.79
C LYS B 313 12.40 16.67 -8.26
N MET B 314 11.07 16.80 -8.36
CA MET B 314 10.20 15.72 -7.92
C MET B 314 10.41 14.46 -8.76
N LEU B 315 10.58 14.63 -10.06
CA LEU B 315 10.77 13.47 -10.94
C LEU B 315 12.09 12.77 -10.67
N ASP B 316 13.13 13.53 -10.28
CA ASP B 316 14.43 12.92 -10.00
C ASP B 316 14.38 11.89 -8.84
N LYS B 317 13.80 12.21 -7.65
CA LYS B 317 13.43 11.10 -6.74
C LYS B 317 12.47 10.06 -7.32
N ALA B 318 11.50 10.45 -8.12
CA ALA B 318 10.69 9.35 -8.66
C ALA B 318 11.62 8.38 -9.38
N VAL B 319 12.62 8.92 -10.08
CA VAL B 319 13.68 8.10 -10.66
C VAL B 319 14.56 7.50 -9.57
N SER B 320 14.97 8.32 -8.58
CA SER B 320 15.86 7.81 -7.53
C SER B 320 15.19 6.75 -6.69
N GLU B 321 13.89 6.88 -6.46
CA GLU B 321 13.15 5.84 -5.76
C GLU B 321 12.84 4.65 -6.66
N ARG B 322 13.36 4.64 -7.89
CA ARG B 322 13.14 3.55 -8.84
C ARG B 322 11.66 3.33 -9.13
N ILE B 323 10.87 4.40 -9.08
CA ILE B 323 9.46 4.36 -9.42
C ILE B 323 9.25 4.80 -10.86
N VAL B 324 9.83 5.93 -11.25
CA VAL B 324 9.74 6.44 -12.62
C VAL B 324 11.00 6.00 -13.37
N HIS B 325 10.79 5.36 -14.52
CA HIS B 325 11.93 4.90 -15.33
C HIS B 325 12.75 6.09 -15.83
N ASP B 326 12.09 7.05 -16.47
CA ASP B 326 12.73 8.27 -16.94
C ASP B 326 11.63 9.24 -17.37
N TYR B 327 12.05 10.43 -17.79
CA TYR B 327 11.10 11.43 -18.27
C TYR B 327 11.81 12.32 -19.29
N LYS B 328 11.04 12.77 -20.28
CA LYS B 328 11.54 13.67 -21.31
C LYS B 328 10.47 14.70 -21.62
N ASP B 329 10.89 15.81 -22.24
CA ASP B 329 9.94 16.76 -22.76
C ASP B 329 9.22 16.18 -23.97
N ILE B 330 8.12 16.82 -24.36
CA ILE B 330 7.28 16.29 -25.43
C ILE B 330 8.05 16.22 -26.74
N PHE B 331 8.90 17.23 -27.01
CA PHE B 331 9.67 17.25 -28.24
C PHE B 331 10.64 16.08 -28.31
N LYS B 332 11.35 15.81 -27.22
CA LYS B 332 12.28 14.69 -27.20
C LYS B 332 11.55 13.35 -27.27
N GLN B 333 10.41 13.24 -26.58
CA GLN B 333 9.66 11.99 -26.55
C GLN B 333 9.16 11.62 -27.94
N ALA B 334 8.60 12.59 -28.68
CA ALA B 334 8.08 12.29 -30.01
C ALA B 334 9.19 11.87 -30.96
N THR B 335 10.38 12.49 -30.83
CA THR B 335 11.51 12.10 -31.67
C THR B 335 11.92 10.66 -31.40
N GLU B 336 12.03 10.28 -30.12
CA GLU B 336 12.36 8.91 -29.80
C GLU B 336 11.23 7.97 -30.18
N ASP B 337 9.99 8.43 -30.06
CA ASP B 337 8.83 7.66 -30.53
C ASP B 337 8.68 7.69 -32.05
N ARG B 338 9.51 8.48 -32.74
CA ARG B 338 9.45 8.61 -34.20
C ARG B 338 8.06 9.03 -34.68
N LEU B 339 7.46 9.98 -33.96
CA LEU B 339 6.16 10.51 -34.35
C LEU B 339 6.23 11.18 -35.72
N THR B 340 5.14 11.05 -36.48
CA THR B 340 5.03 11.71 -37.77
C THR B 340 3.70 12.43 -37.99
N SER B 341 2.65 12.09 -37.25
CA SER B 341 1.33 12.67 -37.46
C SER B 341 0.70 13.04 -36.12
N ALA B 342 -0.11 14.09 -36.13
CA ALA B 342 -0.75 14.56 -34.90
C ALA B 342 -1.70 13.53 -34.31
N LYS B 343 -2.16 12.57 -35.10
CA LYS B 343 -3.03 11.53 -34.57
C LYS B 343 -2.33 10.62 -33.58
N GLU B 344 -1.00 10.69 -33.49
CA GLU B 344 -0.23 9.90 -32.54
C GLU B 344 -0.04 10.59 -31.19
N LEU B 345 -0.45 11.86 -31.07
CA LEU B 345 -0.32 12.61 -29.83
C LEU B 345 -1.51 12.33 -28.92
N PRO B 346 -1.27 12.10 -27.63
CA PRO B 346 -2.38 11.89 -26.70
C PRO B 346 -3.35 13.07 -26.70
N TYR B 347 -4.64 12.75 -26.66
CA TYR B 347 -5.73 13.71 -26.77
C TYR B 347 -6.44 13.76 -25.43
N PHE B 348 -6.13 14.76 -24.62
CA PHE B 348 -6.62 14.87 -23.26
C PHE B 348 -7.66 15.97 -23.14
N GLU B 349 -8.61 15.78 -22.23
CA GLU B 349 -9.68 16.74 -22.03
C GLU B 349 -9.14 18.05 -21.46
N GLY B 350 -9.44 19.16 -22.12
CA GLY B 350 -9.02 20.45 -21.65
C GLY B 350 -7.55 20.74 -21.81
N ASP B 351 -6.83 19.91 -22.54
CA ASP B 351 -5.38 20.07 -22.67
C ASP B 351 -5.05 21.11 -23.74
N PHE B 352 -3.79 21.55 -23.72
CA PHE B 352 -3.31 22.55 -24.67
C PHE B 352 -3.37 22.03 -26.10
N TRP B 353 -3.01 20.77 -26.30
CA TRP B 353 -2.76 20.23 -27.64
C TRP B 353 -4.01 20.02 -28.49
N PRO B 354 -5.15 19.55 -27.94
CA PRO B 354 -6.36 19.50 -28.76
C PRO B 354 -6.76 20.85 -29.33
N ASN B 355 -6.57 21.93 -28.56
CA ASN B 355 -6.90 23.26 -29.06
C ASN B 355 -5.94 23.71 -30.15
N VAL B 356 -4.64 23.43 -29.99
CA VAL B 356 -3.66 23.90 -30.95
C VAL B 356 -3.79 23.14 -32.27
N LEU B 357 -4.08 21.83 -32.21
CA LEU B 357 -4.27 21.07 -33.43
C LEU B 357 -5.48 21.56 -34.21
N GLU B 358 -6.49 22.09 -33.52
CA GLU B 358 -7.59 22.75 -34.20
C GLU B 358 -7.11 23.97 -34.98
N GLU B 359 -6.23 24.77 -34.36
CA GLU B 359 -5.70 25.94 -35.05
C GLU B 359 -4.72 25.54 -36.15
N SER B 360 -3.94 24.48 -35.93
CA SER B 360 -2.98 24.05 -36.94
C SER B 360 -3.68 23.58 -38.21
N ILE B 361 -4.77 22.82 -38.07
CA ILE B 361 -5.50 22.33 -39.23
C ILE B 361 -6.10 23.50 -40.01
N LYS B 362 -6.66 24.48 -39.30
CA LYS B 362 -7.25 25.63 -39.97
C LYS B 362 -6.20 26.44 -40.72
N GLU B 363 -5.08 26.75 -40.05
CA GLU B 363 -4.05 27.57 -40.70
C GLU B 363 -3.39 26.84 -41.85
N SER B 364 -3.36 25.51 -41.83
CA SER B 364 -2.66 24.75 -42.86
C SER B 364 -3.54 24.37 -44.04
N GLY B 365 -4.84 24.63 -43.97
CA GLY B 365 -5.73 24.19 -45.03
C GLY B 365 -6.17 22.75 -44.94
N GLY B 366 -5.87 22.05 -43.84
CA GLY B 366 -6.32 20.68 -43.67
C GLY B 366 -5.24 19.67 -43.38
N SER B 367 -4.06 20.13 -42.99
CA SER B 367 -2.94 19.26 -42.69
C SER B 367 -2.82 19.03 -41.19
N GLY B 368 -2.55 17.79 -40.80
CA GLY B 368 -2.30 17.42 -39.42
C GLY B 368 -0.86 17.21 -39.07
N SER B 369 0.08 17.51 -39.96
CA SER B 369 1.50 17.28 -39.73
C SER B 369 2.36 18.52 -39.90
N GLN B 370 1.83 19.58 -40.52
CA GLN B 370 2.65 20.65 -41.10
C GLN B 370 3.64 21.24 -40.09
N LYS B 371 3.15 21.81 -39.00
CA LYS B 371 4.00 22.49 -38.03
C LYS B 371 4.11 21.77 -36.70
N LEU B 372 3.85 20.46 -36.67
CA LEU B 372 3.78 19.75 -35.40
C LEU B 372 5.10 19.77 -34.66
N TYR B 373 6.20 19.39 -35.33
CA TYR B 373 7.47 19.29 -34.62
C TYR B 373 7.99 20.68 -34.22
N ALA B 374 7.74 21.70 -35.04
CA ALA B 374 8.11 23.06 -34.65
C ALA B 374 7.34 23.51 -33.42
N THR B 375 6.04 23.23 -33.38
CA THR B 375 5.22 23.63 -32.23
C THR B 375 5.63 22.89 -30.96
N MET B 376 5.91 21.59 -31.07
CA MET B 376 6.34 20.83 -29.90
C MET B 376 7.66 21.36 -29.37
N GLU B 377 8.60 21.68 -30.26
CA GLU B 377 9.89 22.20 -29.84
C GLU B 377 9.74 23.56 -29.16
N LYS B 378 8.85 24.42 -29.67
CA LYS B 378 8.69 25.75 -29.10
C LYS B 378 8.23 25.68 -27.64
N HIS B 379 7.34 24.73 -27.33
CA HIS B 379 6.76 24.61 -25.99
C HIS B 379 7.25 23.37 -25.25
N LYS B 380 8.43 22.85 -25.58
CA LYS B 380 8.84 21.55 -25.08
C LYS B 380 9.03 21.54 -23.56
N GLU B 381 9.61 22.60 -23.01
CA GLU B 381 9.91 22.61 -21.58
C GLU B 381 8.67 22.61 -20.70
N VAL B 382 7.51 22.89 -21.27
CA VAL B 382 6.28 22.99 -20.49
C VAL B 382 5.56 21.65 -20.32
N PHE B 383 5.78 20.70 -21.23
CA PHE B 383 5.02 19.45 -21.26
C PHE B 383 5.96 18.30 -20.91
N PHE B 384 5.63 17.59 -19.83
CA PHE B 384 6.44 16.48 -19.33
C PHE B 384 5.79 15.15 -19.69
N VAL B 385 6.57 14.25 -20.25
CA VAL B 385 6.14 12.88 -20.52
C VAL B 385 6.93 11.97 -19.58
N ILE B 386 6.21 11.24 -18.73
CA ILE B 386 6.81 10.48 -17.64
C ILE B 386 6.60 9.00 -17.92
N ARG B 387 7.68 8.28 -18.16
CA ARG B 387 7.63 6.85 -18.46
C ARG B 387 7.70 6.05 -17.17
N LEU B 388 6.64 5.29 -16.88
CA LEU B 388 6.60 4.43 -15.71
C LEU B 388 7.00 2.99 -16.02
N ILE B 389 6.58 2.46 -17.17
CA ILE B 389 6.94 1.13 -17.64
C ILE B 389 7.57 1.27 -19.02
N ALA B 390 8.73 0.64 -19.21
CA ALA B 390 9.55 0.89 -20.39
C ALA B 390 9.81 -0.36 -21.21
N GLY B 391 10.09 -0.14 -22.49
CA GLY B 391 10.55 -1.14 -23.42
C GLY B 391 9.54 -2.22 -23.80
N PRO B 392 10.02 -3.40 -24.18
CA PRO B 392 9.10 -4.49 -24.57
C PRO B 392 8.18 -4.94 -23.46
N ALA B 393 8.50 -4.70 -22.21
CA ALA B 393 7.61 -5.11 -21.13
C ALA B 393 6.23 -4.45 -21.27
N ALA B 394 6.18 -3.25 -21.82
CA ALA B 394 4.93 -2.54 -22.03
C ALA B 394 4.08 -3.14 -23.14
N ASN B 395 4.63 -4.05 -23.93
CA ASN B 395 3.89 -4.58 -25.07
C ASN B 395 2.78 -5.52 -24.63
N SER B 396 3.01 -6.31 -23.57
CA SER B 396 2.07 -7.36 -23.14
C SER B 396 1.81 -7.22 -21.64
N LEU B 397 1.00 -6.25 -21.28
CA LEU B 397 0.61 -6.10 -19.88
C LEU B 397 -0.79 -6.65 -19.65
N PRO B 398 -1.11 -7.09 -18.44
CA PRO B 398 -2.48 -7.55 -18.17
C PRO B 398 -3.44 -6.38 -18.14
N PRO B 399 -4.75 -6.62 -18.23
CA PRO B 399 -5.72 -5.52 -18.22
C PRO B 399 -5.66 -4.73 -16.91
N ILE B 400 -5.94 -3.43 -17.01
CA ILE B 400 -5.98 -2.57 -15.83
C ILE B 400 -7.31 -2.75 -15.13
N VAL B 401 -7.24 -3.01 -13.82
CA VAL B 401 -8.43 -3.14 -12.98
C VAL B 401 -8.30 -2.15 -11.83
N ASP B 402 -9.29 -1.28 -11.67
CA ASP B 402 -9.31 -0.31 -10.58
C ASP B 402 -10.01 -0.91 -9.38
N PRO B 403 -9.33 -1.11 -8.26
CA PRO B 403 -9.99 -1.72 -7.08
C PRO B 403 -11.02 -0.81 -6.42
N ASP B 404 -10.95 0.51 -6.66
CA ASP B 404 -11.86 1.45 -6.04
C ASP B 404 -13.15 1.60 -6.85
N PRO B 405 -14.27 1.80 -6.17
CA PRO B 405 -15.54 2.01 -6.87
C PRO B 405 -15.70 3.47 -7.30
N LEU B 406 -16.69 3.69 -8.17
CA LEU B 406 -17.05 5.04 -8.57
C LEU B 406 -17.61 5.81 -7.38
N ILE B 407 -17.27 7.09 -7.29
CA ILE B 407 -17.74 7.98 -6.24
C ILE B 407 -18.41 9.18 -6.90
N PRO B 408 -19.73 9.16 -7.05
CA PRO B 408 -20.41 10.32 -7.66
C PRO B 408 -20.45 11.51 -6.71
N CYS B 409 -19.95 12.64 -7.18
CA CYS B 409 -19.95 13.87 -6.40
C CYS B 409 -19.95 15.04 -7.38
N ASP B 410 -21.13 15.64 -7.60
CA ASP B 410 -21.25 16.72 -8.56
C ASP B 410 -20.37 17.91 -8.19
N LEU B 411 -20.20 18.16 -6.89
CA LEU B 411 -19.40 19.29 -6.45
C LEU B 411 -17.95 19.18 -6.89
N MET B 412 -17.45 17.96 -7.09
CA MET B 412 -16.05 17.75 -7.43
C MET B 412 -15.88 17.15 -8.82
N ASP B 413 -16.91 17.20 -9.66
CA ASP B 413 -16.80 16.83 -11.07
C ASP B 413 -16.18 17.99 -11.81
N GLY B 414 -14.85 18.05 -11.77
CA GLY B 414 -14.13 19.21 -12.26
C GLY B 414 -13.93 20.26 -11.18
N ARG B 415 -13.21 21.31 -11.55
CA ARG B 415 -12.86 22.37 -10.62
C ARG B 415 -13.90 23.49 -10.55
N ASP B 416 -14.88 23.51 -11.46
CA ASP B 416 -15.76 24.66 -11.56
C ASP B 416 -16.78 24.71 -10.42
N ALA B 417 -17.33 23.56 -10.03
CA ALA B 417 -18.37 23.54 -9.01
C ALA B 417 -17.84 24.01 -7.65
N PHE B 418 -16.62 23.60 -7.30
CA PHE B 418 -16.07 23.98 -6.00
C PHE B 418 -15.70 25.46 -5.98
N LEU B 419 -15.15 25.98 -7.08
CA LEU B 419 -14.84 27.40 -7.14
C LEU B 419 -16.10 28.25 -7.02
N THR B 420 -17.18 27.83 -7.69
CA THR B 420 -18.43 28.56 -7.60
C THR B 420 -19.00 28.52 -6.19
N LEU B 421 -18.99 27.34 -5.55
CA LEU B 421 -19.51 27.24 -4.19
C LEU B 421 -18.71 28.10 -3.23
N ALA B 422 -17.38 28.08 -3.35
CA ALA B 422 -16.55 28.92 -2.49
C ALA B 422 -16.83 30.40 -2.75
N ARG B 423 -17.02 30.77 -4.01
CA ARG B 423 -17.40 32.14 -4.33
C ARG B 423 -18.76 32.49 -3.75
N ASP B 424 -19.73 31.56 -3.86
CA ASP B 424 -21.08 31.84 -3.41
C ASP B 424 -21.21 31.91 -1.90
N LYS B 425 -20.26 31.37 -1.14
CA LYS B 425 -20.37 31.28 0.31
C LYS B 425 -19.23 31.98 1.03
N HIS B 426 -18.47 32.84 0.33
CA HIS B 426 -17.36 33.59 0.92
C HIS B 426 -16.34 32.66 1.58
N LEU B 427 -16.06 31.53 0.93
CA LEU B 427 -15.11 30.54 1.45
C LEU B 427 -13.74 30.85 0.87
N GLU B 428 -12.94 31.60 1.62
CA GLU B 428 -11.60 31.98 1.20
C GLU B 428 -10.57 31.04 1.78
N PHE B 429 -9.44 30.92 1.07
CA PHE B 429 -8.28 30.19 1.53
C PHE B 429 -7.09 31.14 1.72
N SER B 430 -7.39 32.41 2.01
CA SER B 430 -6.40 33.47 2.04
C SER B 430 -5.67 33.59 3.37
N SER B 431 -6.13 32.90 4.41
CA SER B 431 -5.47 32.94 5.70
C SER B 431 -5.72 31.62 6.41
N LEU B 432 -4.91 31.35 7.44
CA LEU B 432 -5.03 30.08 8.15
C LEU B 432 -6.42 29.93 8.78
N ARG B 433 -6.91 30.99 9.43
CA ARG B 433 -8.24 30.91 10.04
C ARG B 433 -9.32 30.74 8.99
N ARG B 434 -9.22 31.47 7.88
CA ARG B 434 -10.23 31.36 6.83
C ARG B 434 -10.12 30.04 6.08
N ALA B 435 -8.89 29.57 5.85
CA ALA B 435 -8.73 28.27 5.21
C ALA B 435 -9.25 27.14 6.08
N GLN B 436 -9.15 27.29 7.40
CA GLN B 436 -9.72 26.30 8.30
C GLN B 436 -11.24 26.36 8.29
N TRP B 437 -11.81 27.56 8.23
CA TRP B 437 -13.26 27.69 8.09
C TRP B 437 -13.75 27.13 6.77
N SER B 438 -13.05 27.42 5.68
CA SER B 438 -13.44 26.90 4.38
C SER B 438 -13.33 25.38 4.34
N THR B 439 -12.30 24.83 4.97
CA THR B 439 -12.14 23.38 5.03
C THR B 439 -13.33 22.74 5.74
N MET B 440 -13.74 23.30 6.88
CA MET B 440 -14.88 22.76 7.61
C MET B 440 -16.16 22.83 6.78
N CYS B 441 -16.38 23.98 6.12
CA CYS B 441 -17.55 24.10 5.25
C CYS B 441 -17.47 23.15 4.07
N MET B 442 -16.28 23.00 3.49
CA MET B 442 -16.10 22.08 2.37
C MET B 442 -16.43 20.64 2.79
N LEU B 443 -15.96 20.24 3.97
CA LEU B 443 -16.22 18.87 4.43
C LEU B 443 -17.71 18.62 4.68
N VAL B 444 -18.41 19.60 5.25
CA VAL B 444 -19.84 19.45 5.49
C VAL B 444 -20.59 19.28 4.18
N GLU B 445 -20.22 20.06 3.17
CA GLU B 445 -20.85 19.92 1.86
C GLU B 445 -20.58 18.55 1.26
N LEU B 446 -19.34 18.05 1.40
CA LEU B 446 -18.99 16.75 0.82
C LEU B 446 -19.74 15.61 1.49
N HIS B 447 -20.07 15.73 2.76
CA HIS B 447 -20.75 14.65 3.47
C HIS B 447 -22.21 14.52 3.05
N THR B 448 -22.85 15.62 2.67
CA THR B 448 -24.24 15.55 2.22
C THR B 448 -24.33 15.17 0.75
N GLN B 449 -23.44 15.71 -0.08
CA GLN B 449 -23.41 15.37 -1.50
C GLN B 449 -22.96 13.93 -1.70
ZN ZN C . -18.32 -34.08 16.00
ZN ZN D . -28.91 -26.70 22.90
ZN ZN E . 16.99 -43.12 16.78
CAA 6QI F . 4.20 -27.95 -1.87
CAB 6QI F . 4.25 -26.94 -0.93
CAC 6QI F . 4.91 -25.76 -1.21
CAD 6QI F . 5.54 -25.59 -2.43
CAE 6QI F . 5.49 -26.61 -3.38
CAF 6QI F . 4.82 -27.79 -3.09
CAH 6QI F . 5.63 -28.49 -5.10
CAI 6QI F . 4.97 -24.76 -0.24
CAJ 6QI F . 5.31 -25.32 1.19
CAL 6QI F . 6.54 -26.49 2.85
CAM 6QI F . 6.32 -27.99 2.93
CAN 6QI F . 6.44 -28.59 1.56
CAP 6QI F . 8.43 -27.42 1.14
CAQ 6QI F . 7.58 -26.35 0.54
CAR 6QI F . 4.93 -28.25 3.49
CAS 6QI F . 4.83 -29.46 4.18
CAT 6QI F . 5.42 -29.63 5.37
CAU 6QI F . 5.32 -30.77 6.02
CAV 6QI F . 4.65 -31.80 5.53
CAW 6QI F . 4.02 -31.69 4.31
CAX 6QI F . 4.11 -30.51 3.63
CBA 6QI F . 6.15 -28.86 6.17
CBC 6QI F . 3.62 -24.12 -0.16
CBD 6QI F . 3.82 -22.64 0.06
CBE 6QI F . 5.29 -22.43 0.10
CBF 6QI F . 5.83 -23.59 -0.67
NAK 6QI F . 6.46 -26.03 1.46
NAY 6QI F . 6.00 -30.60 7.15
NAZ 6QI F . 6.44 -29.59 7.22
OAG 6QI F . 4.77 -28.78 -4.00
OAO 6QI F . 7.78 -28.67 1.13
OBB 6QI F . 4.48 -25.16 2.07
ZN ZN G . -12.16 37.20 15.80
ZN ZN H . -20.61 31.74 26.89
ZN ZN I . -11.92 44.08 -20.29
#